data_6EJG
#
_entry.id   6EJG
#
_cell.length_a   78.635
_cell.length_b   170.905
_cell.length_c   185.960
_cell.angle_alpha   90.00
_cell.angle_beta   90.00
_cell.angle_gamma   90.00
#
_symmetry.space_group_name_H-M   'C 2 2 21'
#
loop_
_entity.id
_entity.type
_entity.pdbx_description
1 polymer 'CD81 antigen'
2 polymer 'SINGLE CHAIN FV FRAGMENT'
3 water water
#
loop_
_entity_poly.entity_id
_entity_poly.type
_entity_poly.pdbx_seq_one_letter_code
_entity_poly.pdbx_strand_id
1 'polypeptide(L)'
;GSGFVNKDQIAKDVKQFYDQALQQAVVDDDANNAKAVVKTFHETLDCCGSSTLTALTTSVLKNNLCPSGSNIISNLFKED
CHQKIDDLFSGKLHHHHHH
;
A,B
2 'polypeptide(L)'
;DIVLTQSPASLSVSLGQRATISCRASKSVSTSIYSYMHWYQQKPGQPPKLLIKYASYLESGVPARFSGSGSGTDFTLNIH
PVEEEDAATYYCEHSREFPFTFGTGTKLEIKGGGGSGGGGSGGGGSGGGGSQVQLQQSGPELVKPGASVKISCKASGYTF
SSSWMNWVKQRPGKGLEWIGRIYSGDGDAIYNGKFKGKATLTADKSSSTAYMQLSSLTSEDSAVYFCAREGKTGDLLLRS
WGQGSALTVSS
;
C,D
#
# COMPACT_ATOMS: atom_id res chain seq x y z
N PHE A 4 -16.48 1.06 7.52
CA PHE A 4 -15.07 1.13 7.98
C PHE A 4 -14.28 -0.12 7.61
N VAL A 5 -12.96 0.02 7.60
CA VAL A 5 -12.06 -1.07 7.25
C VAL A 5 -10.93 -1.15 8.28
N ASN A 6 -10.55 -2.38 8.62
CA ASN A 6 -9.59 -2.62 9.71
C ASN A 6 -8.17 -2.18 9.35
N LYS A 7 -7.67 -1.19 10.07
CA LYS A 7 -6.33 -0.63 9.84
C LYS A 7 -5.24 -1.69 9.98
N ASP A 8 -5.34 -2.51 11.02
CA ASP A 8 -4.34 -3.54 11.30
C ASP A 8 -4.39 -4.68 10.29
N GLN A 9 -5.59 -5.07 9.87
CA GLN A 9 -5.75 -6.18 8.93
C GLN A 9 -5.16 -5.86 7.56
N ILE A 10 -5.35 -4.62 7.11
CA ILE A 10 -4.84 -4.18 5.80
C ILE A 10 -3.31 -4.12 5.79
N ALA A 11 -2.74 -3.58 6.87
CA ALA A 11 -1.30 -3.57 7.07
C ALA A 11 -0.75 -4.99 7.00
N LYS A 12 -1.42 -5.91 7.70
CA LYS A 12 -1.04 -7.32 7.72
C LYS A 12 -1.08 -7.95 6.34
N ASP A 13 -2.09 -7.62 5.55
CA ASP A 13 -2.24 -8.15 4.19
C ASP A 13 -1.20 -7.58 3.24
N VAL A 14 -0.89 -6.29 3.39
CA VAL A 14 0.10 -5.63 2.54
C VAL A 14 1.49 -6.23 2.76
N LYS A 15 1.82 -6.54 4.01
CA LYS A 15 3.04 -7.27 4.33
C LYS A 15 3.06 -8.63 3.66
N GLN A 16 2.00 -9.39 3.86
CA GLN A 16 1.86 -10.73 3.27
C GLN A 16 2.00 -10.69 1.76
N PHE A 17 1.45 -9.66 1.12
CA PHE A 17 1.58 -9.49 -0.32
C PHE A 17 3.03 -9.24 -0.68
N TYR A 18 3.69 -8.34 0.05
CA TYR A 18 5.09 -8.02 -0.17
C TYR A 18 5.96 -9.25 0.02
N ASP A 19 5.75 -9.94 1.13
CA ASP A 19 6.50 -11.15 1.45
C ASP A 19 6.39 -12.18 0.33
N GLN A 20 5.20 -12.32 -0.26
CA GLN A 20 5.00 -13.23 -1.38
C GLN A 20 5.76 -12.78 -2.63
N ALA A 21 5.82 -11.46 -2.85
CA ALA A 21 6.55 -10.90 -3.99
C ALA A 21 8.05 -11.04 -3.80
N LEU A 22 8.53 -10.74 -2.60
CA LEU A 22 9.94 -10.88 -2.24
C LEU A 22 10.43 -12.31 -2.46
N GLN A 23 9.66 -13.28 -1.97
CA GLN A 23 10.01 -14.69 -2.09
C GLN A 23 10.02 -15.14 -3.55
N GLN A 24 9.00 -14.76 -4.30
CA GLN A 24 8.86 -15.22 -5.68
C GLN A 24 9.88 -14.56 -6.63
N ALA A 25 10.33 -13.36 -6.29
CA ALA A 25 11.33 -12.66 -7.10
C ALA A 25 12.65 -13.42 -7.14
N VAL A 26 13.03 -14.01 -6.00
CA VAL A 26 14.26 -14.79 -5.90
C VAL A 26 14.03 -16.27 -6.26
N VAL A 27 12.99 -16.88 -5.68
CA VAL A 27 12.76 -18.32 -5.85
C VAL A 27 12.46 -18.71 -7.29
N ASP A 28 11.72 -17.86 -8.00
CA ASP A 28 11.42 -18.07 -9.42
C ASP A 28 12.19 -17.05 -10.26
N ASP A 29 13.11 -17.56 -11.09
CA ASP A 29 14.10 -16.70 -11.78
C ASP A 29 13.49 -15.59 -12.62
N ASP A 30 12.43 -15.93 -13.37
CA ASP A 30 11.79 -14.99 -14.29
C ASP A 30 10.31 -14.78 -13.91
N ALA A 31 10.09 -14.47 -12.64
CA ALA A 31 8.84 -13.87 -12.18
C ALA A 31 9.07 -12.37 -12.24
N ASN A 32 8.90 -11.80 -13.43
CA ASN A 32 9.29 -10.43 -13.72
C ASN A 32 8.40 -9.37 -13.06
N ASN A 33 7.13 -9.69 -12.85
CA ASN A 33 6.26 -8.84 -12.06
C ASN A 33 6.57 -8.95 -10.57
N ALA A 34 6.99 -10.14 -10.15
CA ALA A 34 7.43 -10.34 -8.77
C ALA A 34 8.60 -9.40 -8.46
N LYS A 35 9.58 -9.35 -9.36
CA LYS A 35 10.70 -8.43 -9.23
C LYS A 35 10.23 -6.98 -9.31
N ALA A 36 9.35 -6.72 -10.28
CA ALA A 36 8.82 -5.38 -10.51
C ALA A 36 8.11 -4.84 -9.28
N VAL A 37 7.24 -5.65 -8.70
CA VAL A 37 6.49 -5.26 -7.49
C VAL A 37 7.45 -4.98 -6.34
N VAL A 38 8.42 -5.86 -6.14
CA VAL A 38 9.41 -5.71 -5.08
C VAL A 38 10.20 -4.41 -5.22
N LYS A 39 10.64 -4.08 -6.44
CA LYS A 39 11.35 -2.82 -6.70
C LYS A 39 10.50 -1.61 -6.35
N THR A 40 9.25 -1.62 -6.80
CA THR A 40 8.32 -0.51 -6.57
C THR A 40 8.12 -0.24 -5.09
N PHE A 41 7.90 -1.31 -4.33
CA PHE A 41 7.76 -1.20 -2.87
C PHE A 41 9.02 -0.58 -2.24
N HIS A 42 10.18 -1.09 -2.63
CA HIS A 42 11.45 -0.60 -2.09
C HIS A 42 11.67 0.87 -2.39
N GLU A 43 11.51 1.23 -3.65
CA GLU A 43 11.72 2.61 -4.10
C GLU A 43 10.69 3.56 -3.50
N THR A 44 9.45 3.09 -3.36
CA THR A 44 8.36 3.92 -2.82
C THR A 44 8.48 4.08 -1.31
N LEU A 45 8.68 2.96 -0.60
CA LEU A 45 8.70 2.98 0.86
C LEU A 45 10.09 3.23 1.44
N ASP A 46 11.11 3.35 0.59
CA ASP A 46 12.49 3.49 1.03
C ASP A 46 12.86 2.40 2.04
N CYS A 47 13.00 1.18 1.53
CA CYS A 47 13.30 0.03 2.38
C CYS A 47 13.93 -1.09 1.54
N CYS A 48 14.27 -2.19 2.19
CA CYS A 48 14.96 -3.27 1.52
C CYS A 48 14.74 -4.62 2.20
N GLY A 49 13.87 -5.44 1.62
CA GLY A 49 13.57 -6.77 2.15
C GLY A 49 12.77 -6.72 3.44
N SER A 50 12.73 -7.84 4.15
CA SER A 50 12.11 -7.88 5.47
C SER A 50 12.89 -8.74 6.44
N SER A 51 12.71 -8.47 7.74
CA SER A 51 13.42 -9.18 8.79
C SER A 51 12.93 -10.62 8.98
N THR A 52 11.72 -10.92 8.48
CA THR A 52 11.20 -12.29 8.49
C THR A 52 11.69 -13.10 7.29
N LEU A 53 12.46 -12.47 6.41
CA LEU A 53 13.04 -13.16 5.25
C LEU A 53 14.45 -12.63 4.98
N THR A 54 15.28 -12.60 6.02
CA THR A 54 16.61 -11.98 5.93
C THR A 54 17.50 -12.68 4.92
N ALA A 55 17.32 -14.00 4.77
CA ALA A 55 18.12 -14.79 3.83
C ALA A 55 17.89 -14.34 2.39
N LEU A 56 16.63 -14.38 1.95
CA LEU A 56 16.26 -13.94 0.60
C LEU A 56 16.45 -12.44 0.39
N THR A 57 16.42 -11.67 1.49
CA THR A 57 16.60 -10.22 1.42
C THR A 57 18.01 -9.85 0.99
N THR A 58 19.00 -10.58 1.50
CA THR A 58 20.39 -10.35 1.08
C THR A 58 20.54 -10.66 -0.40
N SER A 59 19.76 -11.62 -0.87
CA SER A 59 19.79 -12.01 -2.27
C SER A 59 19.16 -10.96 -3.18
N VAL A 60 18.15 -10.24 -2.70
CA VAL A 60 17.56 -9.14 -3.48
C VAL A 60 18.41 -7.87 -3.39
N LEU A 61 19.01 -7.63 -2.23
CA LEU A 61 19.95 -6.52 -2.06
C LEU A 61 21.04 -6.56 -3.13
N LYS A 62 21.58 -7.74 -3.37
CA LYS A 62 22.68 -7.92 -4.32
C LYS A 62 22.20 -7.99 -5.78
N ASN A 63 20.92 -8.26 -6.00
CA ASN A 63 20.33 -8.19 -7.33
C ASN A 63 19.93 -6.77 -7.73
N ASN A 64 20.29 -5.79 -6.90
CA ASN A 64 20.06 -4.36 -7.15
C ASN A 64 18.58 -3.96 -7.25
N LEU A 65 17.71 -4.78 -6.67
CA LEU A 65 16.28 -4.47 -6.60
C LEU A 65 15.95 -3.61 -5.39
N CYS A 66 16.95 -3.30 -4.58
CA CYS A 66 16.79 -2.36 -3.45
C CYS A 66 17.28 -0.97 -3.87
N PRO A 67 16.95 0.06 -3.07
CA PRO A 67 17.28 1.43 -3.47
C PRO A 67 18.79 1.66 -3.57
N SER A 68 19.19 2.59 -4.43
CA SER A 68 20.61 2.86 -4.67
C SER A 68 21.32 3.43 -3.42
N GLY A 69 22.64 3.32 -3.40
CA GLY A 69 23.47 3.90 -2.35
C GLY A 69 23.29 3.35 -0.94
N SER A 70 22.54 2.26 -0.80
CA SER A 70 22.25 1.65 0.50
C SER A 70 22.72 0.20 0.57
N ASN A 71 23.57 -0.19 -0.38
CA ASN A 71 23.99 -1.58 -0.54
C ASN A 71 25.07 -1.98 0.46
N ILE A 72 24.72 -2.90 1.36
CA ILE A 72 25.59 -3.46 2.40
C ILE A 72 24.72 -4.34 3.29
N ILE A 73 25.10 -5.60 3.46
CA ILE A 73 24.29 -6.55 4.23
C ILE A 73 24.08 -6.09 5.68
N SER A 74 25.11 -5.45 6.25
CA SER A 74 25.04 -4.94 7.62
C SER A 74 23.84 -4.05 7.88
N ASN A 75 23.46 -3.23 6.91
CA ASN A 75 22.38 -2.25 7.07
C ASN A 75 20.98 -2.83 6.97
N LEU A 76 20.85 -4.05 6.46
CA LEU A 76 19.53 -4.61 6.14
C LEU A 76 18.58 -4.70 7.33
N PHE A 77 19.11 -4.79 8.54
CA PHE A 77 18.26 -4.87 9.75
C PHE A 77 17.44 -3.61 9.96
N LYS A 78 18.01 -2.45 9.65
CA LYS A 78 17.31 -1.17 9.82
C LYS A 78 16.52 -0.74 8.58
N GLU A 79 16.54 -1.55 7.54
CA GLU A 79 15.87 -1.23 6.27
C GLU A 79 14.67 -2.16 6.02
N ASP A 80 13.95 -2.49 7.10
CA ASP A 80 12.83 -3.42 7.01
C ASP A 80 11.60 -2.74 6.41
N CYS A 81 11.02 -3.36 5.38
CA CYS A 81 9.80 -2.84 4.75
C CYS A 81 8.57 -3.06 5.62
N HIS A 82 8.58 -4.10 6.44
CA HIS A 82 7.47 -4.36 7.35
C HIS A 82 7.21 -3.16 8.26
N GLN A 83 8.29 -2.51 8.71
CA GLN A 83 8.16 -1.33 9.57
C GLN A 83 7.66 -0.10 8.81
N LYS A 84 8.05 0.02 7.53
CA LYS A 84 7.59 1.13 6.69
C LYS A 84 6.12 0.97 6.29
N ILE A 85 5.66 -0.27 6.16
CA ILE A 85 4.24 -0.55 5.92
C ILE A 85 3.42 -0.16 7.16
N ASP A 86 3.92 -0.50 8.34
CA ASP A 86 3.28 -0.10 9.60
C ASP A 86 3.14 1.42 9.70
N ASP A 87 4.22 2.12 9.37
CA ASP A 87 4.26 3.58 9.45
C ASP A 87 3.33 4.25 8.44
N LEU A 88 3.23 3.67 7.25
CA LEU A 88 2.36 4.20 6.20
C LEU A 88 0.92 4.31 6.71
N PHE A 89 0.38 3.17 7.16
CA PHE A 89 -1.02 3.10 7.58
C PHE A 89 -1.28 3.80 8.92
N SER A 90 -0.24 4.00 9.73
CA SER A 90 -0.36 4.75 10.97
C SER A 90 0.04 6.23 10.81
N GLY A 91 0.38 6.64 9.59
CA GLY A 91 0.69 8.03 9.31
C GLY A 91 2.01 8.50 9.90
N LYS A 92 3.10 7.81 9.55
CA LYS A 92 4.45 8.18 9.98
C LYS A 92 5.46 7.90 8.87
N PHE B 4 -2.82 -17.34 0.13
CA PHE B 4 -2.40 -16.48 -1.03
C PHE B 4 -3.30 -15.25 -1.12
N VAL B 5 -2.70 -14.07 -0.96
CA VAL B 5 -3.43 -12.80 -1.03
C VAL B 5 -3.60 -12.32 -2.47
N ASN B 6 -4.83 -11.92 -2.83
CA ASN B 6 -5.16 -11.42 -4.16
C ASN B 6 -4.75 -9.97 -4.34
N LYS B 7 -3.99 -9.69 -5.40
CA LYS B 7 -3.56 -8.33 -5.74
C LYS B 7 -4.73 -7.34 -5.77
N ASP B 8 -5.79 -7.69 -6.50
CA ASP B 8 -6.94 -6.81 -6.70
C ASP B 8 -7.65 -6.49 -5.39
N GLN B 9 -7.91 -7.52 -4.58
CA GLN B 9 -8.65 -7.34 -3.34
C GLN B 9 -7.89 -6.44 -2.37
N ILE B 10 -6.60 -6.69 -2.20
CA ILE B 10 -5.76 -5.90 -1.30
C ILE B 10 -5.62 -4.46 -1.81
N ALA B 11 -5.56 -4.27 -3.12
CA ALA B 11 -5.53 -2.93 -3.71
C ALA B 11 -6.83 -2.20 -3.42
N LYS B 12 -7.94 -2.90 -3.60
CA LYS B 12 -9.27 -2.36 -3.31
C LYS B 12 -9.41 -1.98 -1.84
N ASP B 13 -8.80 -2.76 -0.95
CA ASP B 13 -8.84 -2.49 0.49
C ASP B 13 -8.01 -1.26 0.87
N VAL B 14 -6.84 -1.10 0.25
CA VAL B 14 -5.97 0.05 0.50
C VAL B 14 -6.65 1.33 0.00
N LYS B 15 -7.20 1.27 -1.20
CA LYS B 15 -7.96 2.38 -1.77
C LYS B 15 -9.06 2.81 -0.81
N GLN B 16 -9.84 1.85 -0.34
CA GLN B 16 -10.93 2.14 0.59
C GLN B 16 -10.40 2.79 1.86
N PHE B 17 -9.31 2.26 2.40
CA PHE B 17 -8.68 2.83 3.58
C PHE B 17 -8.32 4.29 3.36
N TYR B 18 -7.70 4.57 2.21
CA TYR B 18 -7.29 5.93 1.86
C TYR B 18 -8.49 6.87 1.78
N ASP B 19 -9.55 6.42 1.08
CA ASP B 19 -10.76 7.23 0.90
C ASP B 19 -11.41 7.57 2.24
N GLN B 20 -11.45 6.61 3.15
CA GLN B 20 -12.01 6.83 4.48
C GLN B 20 -11.20 7.88 5.25
N ALA B 21 -9.88 7.84 5.09
CA ALA B 21 -9.01 8.81 5.73
C ALA B 21 -9.16 10.20 5.09
N LEU B 22 -9.23 10.23 3.77
CA LEU B 22 -9.42 11.47 3.02
C LEU B 22 -10.68 12.20 3.47
N GLN B 23 -11.76 11.45 3.63
CA GLN B 23 -13.04 12.01 4.05
C GLN B 23 -12.98 12.56 5.47
N GLN B 24 -12.46 11.78 6.40
CA GLN B 24 -12.36 12.19 7.80
C GLN B 24 -11.54 13.46 8.01
N ALA B 25 -10.53 13.68 7.16
CA ALA B 25 -9.67 14.85 7.29
C ALA B 25 -10.41 16.16 7.03
N VAL B 26 -11.46 16.10 6.21
CA VAL B 26 -12.25 17.28 5.84
C VAL B 26 -13.56 17.40 6.63
N VAL B 27 -14.24 16.27 6.81
CA VAL B 27 -15.56 16.24 7.46
C VAL B 27 -15.47 16.06 8.98
N ASP B 28 -14.29 16.28 9.55
CA ASP B 28 -14.06 15.96 10.97
C ASP B 28 -12.77 16.64 11.42
N ASP B 29 -12.90 17.74 12.16
CA ASP B 29 -11.73 18.47 12.68
C ASP B 29 -11.14 17.77 13.92
N ASP B 30 -11.84 16.74 14.40
CA ASP B 30 -11.37 15.90 15.49
C ASP B 30 -10.20 15.03 15.02
N ALA B 31 -10.46 14.23 13.99
CA ALA B 31 -9.49 13.24 13.49
C ALA B 31 -8.25 13.89 12.88
N ASN B 32 -7.30 14.23 13.75
CA ASN B 32 -6.02 14.79 13.36
C ASN B 32 -5.09 13.66 12.88
N ASN B 33 -5.43 12.42 13.24
CA ASN B 33 -4.73 11.25 12.74
C ASN B 33 -5.05 10.98 11.27
N ALA B 34 -6.28 11.26 10.86
CA ALA B 34 -6.68 11.11 9.47
C ALA B 34 -5.89 12.05 8.56
N LYS B 35 -5.65 13.28 9.03
CA LYS B 35 -4.80 14.23 8.30
C LYS B 35 -3.39 13.69 8.14
N ALA B 36 -2.85 13.10 9.20
CA ALA B 36 -1.53 12.48 9.19
C ALA B 36 -1.45 11.35 8.18
N VAL B 37 -2.47 10.49 8.17
CA VAL B 37 -2.54 9.35 7.24
C VAL B 37 -2.63 9.82 5.78
N VAL B 38 -3.49 10.79 5.52
CA VAL B 38 -3.65 11.35 4.18
C VAL B 38 -2.36 12.02 3.69
N LYS B 39 -1.73 12.79 4.56
CA LYS B 39 -0.49 13.48 4.20
C LYS B 39 0.63 12.47 3.90
N THR B 40 0.66 11.36 4.63
CA THR B 40 1.67 10.31 4.43
C THR B 40 1.53 9.64 3.06
N PHE B 41 0.33 9.16 2.76
CA PHE B 41 0.04 8.57 1.45
C PHE B 41 0.43 9.51 0.33
N HIS B 42 0.00 10.77 0.45
CA HIS B 42 0.27 11.80 -0.55
C HIS B 42 1.76 12.02 -0.78
N GLU B 43 2.54 12.05 0.30
CA GLU B 43 3.99 12.18 0.21
C GLU B 43 4.62 10.90 -0.32
N THR B 44 4.22 9.75 0.23
CA THR B 44 4.78 8.45 -0.15
C THR B 44 4.47 8.06 -1.59
N LEU B 45 3.19 8.11 -1.97
CA LEU B 45 2.76 7.75 -3.33
C LEU B 45 2.89 8.90 -4.33
N ASP B 46 3.31 10.08 -3.86
CA ASP B 46 3.43 11.27 -4.71
C ASP B 46 2.13 11.52 -5.48
N CYS B 47 1.06 11.78 -4.73
CA CYS B 47 -0.27 11.97 -5.29
C CYS B 47 -1.07 12.93 -4.42
N CYS B 48 -2.28 13.23 -4.86
CA CYS B 48 -3.10 14.24 -4.19
C CYS B 48 -4.59 14.00 -4.42
N GLY B 49 -5.22 13.30 -3.48
CA GLY B 49 -6.67 13.10 -3.51
C GLY B 49 -7.10 11.91 -4.35
N SER B 50 -8.34 11.98 -4.83
CA SER B 50 -8.93 10.89 -5.60
C SER B 50 -9.91 11.40 -6.66
N SER B 51 -10.14 10.58 -7.69
CA SER B 51 -11.14 10.88 -8.72
C SER B 51 -12.54 10.71 -8.16
N THR B 52 -12.72 9.68 -7.34
CA THR B 52 -14.01 9.39 -6.72
C THR B 52 -14.41 10.41 -5.64
N LEU B 53 -13.46 11.24 -5.19
CA LEU B 53 -13.75 12.29 -4.21
C LEU B 53 -13.09 13.61 -4.62
N THR B 54 -13.38 14.06 -5.84
CA THR B 54 -12.77 15.29 -6.37
C THR B 54 -13.20 16.55 -5.63
N ALA B 55 -14.38 16.52 -5.00
CA ALA B 55 -14.88 17.66 -4.23
C ALA B 55 -14.06 17.87 -2.96
N LEU B 56 -13.93 16.80 -2.17
CA LEU B 56 -13.14 16.83 -0.94
C LEU B 56 -11.64 17.00 -1.20
N THR B 57 -11.19 16.57 -2.38
CA THR B 57 -9.78 16.66 -2.74
C THR B 57 -9.32 18.12 -2.87
N THR B 58 -10.16 18.95 -3.48
CA THR B 58 -9.85 20.37 -3.66
C THR B 58 -9.69 21.07 -2.31
N SER B 59 -10.46 20.63 -1.32
CA SER B 59 -10.34 21.17 0.03
C SER B 59 -9.04 20.74 0.70
N VAL B 60 -8.71 19.44 0.64
CA VAL B 60 -7.48 18.93 1.25
C VAL B 60 -6.23 19.49 0.56
N LEU B 61 -6.38 19.84 -0.72
CA LEU B 61 -5.32 20.53 -1.46
C LEU B 61 -5.04 21.90 -0.84
N LYS B 62 -6.09 22.64 -0.49
CA LYS B 62 -5.92 23.96 0.10
C LYS B 62 -5.71 23.90 1.61
N ASN B 63 -5.96 22.74 2.23
CA ASN B 63 -5.59 22.50 3.62
C ASN B 63 -4.10 22.20 3.78
N ASN B 64 -3.37 22.12 2.66
CA ASN B 64 -1.93 22.01 2.66
C ASN B 64 -1.44 20.57 2.90
N LEU B 65 -2.32 19.60 2.66
CA LEU B 65 -2.02 18.18 2.93
C LEU B 65 -1.45 17.44 1.72
N CYS B 66 -1.53 18.04 0.54
CA CYS B 66 -0.94 17.45 -0.66
C CYS B 66 0.53 17.84 -0.73
N PRO B 67 1.34 17.07 -1.50
CA PRO B 67 2.79 17.20 -1.36
C PRO B 67 3.32 18.62 -1.60
N SER B 68 3.36 19.03 -2.86
CA SER B 68 3.95 20.32 -3.25
C SER B 68 3.99 20.41 -4.78
N GLY B 69 4.30 21.61 -5.28
CA GLY B 69 4.42 21.85 -6.72
C GLY B 69 3.16 22.45 -7.30
N SER B 70 2.09 21.65 -7.38
CA SER B 70 0.85 22.09 -8.02
C SER B 70 0.11 23.13 -7.17
N ASN B 71 -0.69 22.66 -6.20
CA ASN B 71 -1.63 23.51 -5.47
C ASN B 71 -2.71 24.13 -6.38
N ILE B 72 -2.74 23.71 -7.64
CA ILE B 72 -3.71 24.21 -8.62
C ILE B 72 -4.74 23.11 -8.88
N ILE B 73 -6.01 23.48 -8.81
CA ILE B 73 -7.11 22.52 -8.93
C ILE B 73 -7.19 21.86 -10.30
N SER B 74 -6.75 22.55 -11.34
CA SER B 74 -6.70 22.01 -12.71
C SER B 74 -5.93 20.69 -12.81
N ASN B 75 -4.83 20.59 -12.07
CA ASN B 75 -3.94 19.42 -12.13
C ASN B 75 -4.47 18.18 -11.41
N LEU B 76 -5.40 18.35 -10.49
CA LEU B 76 -5.87 17.25 -9.62
C LEU B 76 -6.28 15.97 -10.36
N PHE B 77 -6.84 16.12 -11.56
CA PHE B 77 -7.30 14.97 -12.34
C PHE B 77 -6.18 14.00 -12.76
N LYS B 78 -4.93 14.49 -12.76
CA LYS B 78 -3.77 13.66 -13.09
C LYS B 78 -2.87 13.35 -11.88
N GLU B 79 -3.37 13.61 -10.67
CA GLU B 79 -2.63 13.32 -9.44
C GLU B 79 -3.39 12.31 -8.56
N ASP B 80 -4.10 11.38 -9.20
CA ASP B 80 -5.01 10.46 -8.49
C ASP B 80 -4.22 9.40 -7.73
N CYS B 81 -4.52 9.26 -6.43
CA CYS B 81 -3.84 8.28 -5.58
C CYS B 81 -4.29 6.85 -5.88
N HIS B 82 -5.55 6.69 -6.30
CA HIS B 82 -6.07 5.37 -6.70
C HIS B 82 -5.20 4.75 -7.79
N GLN B 83 -4.70 5.60 -8.69
CA GLN B 83 -3.81 5.16 -9.78
C GLN B 83 -2.44 4.76 -9.23
N LYS B 84 -1.91 5.55 -8.29
CA LYS B 84 -0.63 5.25 -7.68
C LYS B 84 -0.69 3.97 -6.84
N ILE B 85 -1.82 3.76 -6.17
CA ILE B 85 -2.05 2.54 -5.41
C ILE B 85 -2.12 1.35 -6.38
N ASP B 86 -2.81 1.51 -7.49
CA ASP B 86 -2.85 0.48 -8.53
C ASP B 86 -1.45 0.17 -9.06
N ASP B 87 -0.65 1.22 -9.27
CA ASP B 87 0.71 1.07 -9.78
C ASP B 87 1.66 0.38 -8.79
N LEU B 88 1.43 0.59 -7.50
CA LEU B 88 2.26 -0.01 -6.46
C LEU B 88 2.15 -1.53 -6.49
N PHE B 89 0.92 -2.03 -6.46
CA PHE B 89 0.68 -3.48 -6.44
C PHE B 89 0.86 -4.13 -7.82
N SER B 90 1.01 -3.33 -8.87
CA SER B 90 1.27 -3.82 -10.21
C SER B 90 2.76 -3.81 -10.57
N GLY B 91 3.52 -2.96 -9.90
CA GLY B 91 4.97 -2.88 -10.13
C GLY B 91 5.33 -1.79 -11.11
N LYS B 92 4.76 -0.60 -10.91
CA LYS B 92 4.96 0.54 -11.80
C LYS B 92 5.13 1.82 -11.00
N ASP C 1 19.76 -21.87 16.11
CA ASP C 1 20.01 -22.67 14.88
C ASP C 1 18.97 -23.77 14.70
N ILE C 2 18.41 -23.87 13.50
CA ILE C 2 17.47 -24.94 13.19
C ILE C 2 18.24 -26.25 13.07
N VAL C 3 17.77 -27.28 13.77
CA VAL C 3 18.42 -28.58 13.77
C VAL C 3 17.55 -29.60 13.03
N LEU C 4 18.07 -30.10 11.91
CA LEU C 4 17.39 -31.12 11.10
C LEU C 4 17.77 -32.51 11.59
N THR C 5 16.76 -33.33 11.88
CA THR C 5 16.95 -34.70 12.38
C THR C 5 16.33 -35.70 11.43
N GLN C 6 17.17 -36.45 10.71
CA GLN C 6 16.69 -37.45 9.76
C GLN C 6 16.50 -38.81 10.43
N SER C 7 15.72 -39.66 9.77
CA SER C 7 15.50 -41.03 10.23
C SER C 7 14.96 -41.88 9.09
N PRO C 8 15.43 -43.14 8.98
CA PRO C 8 16.38 -43.80 9.87
C PRO C 8 17.81 -43.30 9.66
N ALA C 9 18.73 -43.75 10.50
CA ALA C 9 20.16 -43.42 10.33
C ALA C 9 20.68 -44.04 9.04
N SER C 10 20.26 -45.28 8.78
CA SER C 10 20.54 -45.94 7.51
C SER C 10 19.45 -46.97 7.19
N LEU C 11 19.30 -47.25 5.91
CA LEU C 11 18.16 -47.97 5.35
C LEU C 11 18.69 -48.95 4.32
N SER C 12 18.01 -50.07 4.13
CA SER C 12 18.30 -50.93 2.98
C SER C 12 17.02 -51.56 2.43
N VAL C 13 16.83 -51.46 1.12
CA VAL C 13 15.62 -51.95 0.45
C VAL C 13 15.98 -52.75 -0.79
N SER C 14 15.09 -53.68 -1.17
CA SER C 14 15.25 -54.47 -2.38
C SER C 14 14.90 -53.63 -3.62
N LEU C 15 15.37 -54.06 -4.79
CA LEU C 15 14.91 -53.45 -6.03
C LEU C 15 13.42 -53.72 -6.16
N GLY C 16 12.60 -52.68 -6.05
CA GLY C 16 11.14 -52.85 -6.09
C GLY C 16 10.43 -51.53 -6.25
N GLN C 17 10.31 -50.69 -5.22
CA GLN C 17 10.36 -50.99 -3.76
C GLN C 17 10.52 -49.66 -3.06
N ARG C 18 9.66 -49.39 -2.07
CA ARG C 18 9.58 -48.08 -1.45
C ARG C 18 10.76 -47.83 -0.51
N ALA C 19 11.49 -46.75 -0.77
CA ALA C 19 12.50 -46.24 0.15
C ALA C 19 11.98 -44.92 0.68
N THR C 20 11.84 -44.81 2.00
CA THR C 20 11.22 -43.64 2.63
C THR C 20 12.11 -43.05 3.72
N ILE C 21 12.40 -41.75 3.60
CA ILE C 21 13.36 -41.06 4.46
C ILE C 21 12.73 -39.79 5.05
N SER C 22 12.74 -39.70 6.38
CA SER C 22 12.09 -38.60 7.08
C SER C 22 13.05 -37.48 7.42
N CYS C 23 12.49 -36.34 7.80
CA CYS C 23 13.27 -35.17 8.20
C CYS C 23 12.44 -34.23 9.06
N ARG C 24 12.88 -34.03 10.31
CA ARG C 24 12.20 -33.18 11.28
C ARG C 24 13.07 -31.98 11.59
N ALA C 25 12.44 -30.83 11.87
CA ALA C 25 13.14 -29.57 12.12
C ALA C 25 12.75 -28.94 13.46
N SER C 26 13.70 -28.25 14.08
CA SER C 26 13.50 -27.58 15.38
C SER C 26 12.31 -26.65 15.37
N LYS C 27 12.19 -25.85 14.31
CA LYS C 27 11.03 -24.99 14.10
C LYS C 27 10.59 -25.06 12.65
N SER C 28 9.43 -24.49 12.34
CA SER C 28 8.89 -24.54 10.99
C SER C 28 9.86 -23.85 10.03
N VAL C 29 10.10 -24.52 8.90
CA VAL C 29 11.01 -24.03 7.89
C VAL C 29 10.21 -23.55 6.68
N SER C 30 8.95 -23.18 6.94
CA SER C 30 7.98 -22.97 5.87
C SER C 30 7.27 -21.62 6.03
N THR C 31 6.85 -21.05 4.90
CA THR C 31 6.04 -19.84 4.90
C THR C 31 4.71 -20.18 4.21
N SER C 32 3.84 -19.17 4.07
CA SER C 32 2.50 -19.38 3.50
C SER C 32 2.49 -19.92 2.07
N ILE C 33 3.63 -19.84 1.37
CA ILE C 33 3.72 -20.29 -0.02
C ILE C 33 4.90 -21.23 -0.36
N TYR C 34 5.90 -21.31 0.51
CA TYR C 34 7.09 -22.15 0.26
C TYR C 34 7.69 -22.76 1.53
N SER C 35 8.39 -23.87 1.34
CA SER C 35 9.49 -24.33 2.19
C SER C 35 10.45 -24.90 1.14
N TYR C 36 11.76 -24.61 1.09
CA TYR C 36 12.73 -24.17 2.13
C TYR C 36 13.30 -25.37 2.88
N MET C 37 12.84 -26.56 2.49
CA MET C 37 13.56 -27.80 2.74
C MET C 37 13.92 -28.39 1.38
N HIS C 38 15.14 -28.92 1.28
CA HIS C 38 15.66 -29.47 0.02
C HIS C 38 16.34 -30.80 0.31
N TRP C 39 16.58 -31.58 -0.74
CA TRP C 39 17.19 -32.90 -0.59
C TRP C 39 18.37 -33.08 -1.51
N TYR C 40 19.49 -33.50 -0.94
CA TYR C 40 20.72 -33.76 -1.70
C TYR C 40 21.09 -35.23 -1.66
N GLN C 41 21.66 -35.72 -2.77
CA GLN C 41 22.15 -37.09 -2.89
C GLN C 41 23.67 -37.05 -3.02
N GLN C 42 24.36 -37.76 -2.13
CA GLN C 42 25.82 -37.84 -2.19
C GLN C 42 26.28 -39.30 -2.27
N LYS C 43 27.13 -39.59 -3.24
CA LYS C 43 27.77 -40.91 -3.35
C LYS C 43 29.24 -40.75 -3.00
N PRO C 44 29.87 -41.84 -2.49
CA PRO C 44 31.23 -41.73 -1.95
C PRO C 44 32.24 -41.23 -2.99
N GLY C 45 33.06 -40.26 -2.59
CA GLY C 45 33.99 -39.62 -3.49
C GLY C 45 33.40 -38.36 -4.09
N GLN C 46 32.19 -38.50 -4.65
CA GLN C 46 31.51 -37.37 -5.30
C GLN C 46 31.00 -36.32 -4.30
N PRO C 47 30.69 -35.11 -4.80
CA PRO C 47 30.04 -34.09 -3.99
C PRO C 47 28.55 -34.33 -3.94
N PRO C 48 27.84 -33.67 -3.01
CA PRO C 48 26.38 -33.74 -3.03
C PRO C 48 25.74 -33.26 -4.34
N LYS C 49 24.51 -33.69 -4.57
CA LYS C 49 23.78 -33.34 -5.78
C LYS C 49 22.34 -33.04 -5.40
N LEU C 50 21.80 -31.92 -5.89
CA LEU C 50 20.44 -31.50 -5.55
C LEU C 50 19.42 -32.34 -6.30
N LEU C 51 18.47 -32.92 -5.56
CA LEU C 51 17.44 -33.79 -6.14
C LEU C 51 16.06 -33.15 -6.12
N ILE C 52 15.57 -32.81 -4.93
CA ILE C 52 14.27 -32.16 -4.76
C ILE C 52 14.49 -30.79 -4.15
N LYS C 53 13.92 -29.76 -4.78
CA LYS C 53 14.00 -28.40 -4.27
C LYS C 53 12.63 -27.94 -3.76
N TYR C 54 12.66 -27.20 -2.65
CA TYR C 54 11.46 -26.69 -2.00
C TYR C 54 10.44 -27.79 -1.73
N ALA C 55 10.88 -28.80 -0.99
CA ALA C 55 10.01 -29.87 -0.49
C ALA C 55 9.56 -30.88 -1.55
N SER C 56 9.00 -30.40 -2.66
CA SER C 56 8.33 -31.28 -3.64
C SER C 56 8.86 -31.25 -5.07
N TYR C 57 9.55 -30.18 -5.45
CA TYR C 57 9.86 -29.95 -6.87
C TYR C 57 11.13 -30.69 -7.30
N LEU C 58 10.99 -31.62 -8.25
CA LEU C 58 12.13 -32.35 -8.79
C LEU C 58 13.03 -31.44 -9.62
N GLU C 59 14.34 -31.58 -9.42
CA GLU C 59 15.32 -30.84 -10.18
C GLU C 59 15.41 -31.46 -11.56
N SER C 60 15.57 -30.64 -12.60
CA SER C 60 15.66 -31.12 -13.97
C SER C 60 16.81 -32.12 -14.11
N GLY C 61 16.51 -33.28 -14.67
CA GLY C 61 17.46 -34.38 -14.78
C GLY C 61 17.13 -35.53 -13.83
N VAL C 62 16.45 -35.23 -12.72
CA VAL C 62 16.15 -36.23 -11.70
C VAL C 62 14.94 -37.08 -12.08
N PRO C 63 15.07 -38.43 -12.03
CA PRO C 63 14.00 -39.38 -12.35
C PRO C 63 12.70 -39.17 -11.56
N ALA C 64 11.59 -39.56 -12.17
CA ALA C 64 10.26 -39.41 -11.55
C ALA C 64 10.06 -40.30 -10.33
N ARG C 65 10.86 -41.38 -10.22
CA ARG C 65 10.81 -42.25 -9.04
C ARG C 65 11.16 -41.51 -7.75
N PHE C 66 11.92 -40.42 -7.87
CA PHE C 66 12.18 -39.53 -6.74
C PHE C 66 11.01 -38.56 -6.54
N SER C 67 10.49 -38.49 -5.31
CA SER C 67 9.42 -37.57 -4.96
C SER C 67 9.55 -37.12 -3.51
N GLY C 68 9.20 -35.87 -3.24
CA GLY C 68 9.26 -35.32 -1.90
C GLY C 68 7.94 -34.69 -1.49
N SER C 69 7.68 -34.67 -0.19
CA SER C 69 6.47 -34.07 0.35
C SER C 69 6.73 -33.60 1.78
N GLY C 70 5.89 -32.68 2.25
CA GLY C 70 6.00 -32.19 3.62
C GLY C 70 5.64 -30.73 3.77
N SER C 71 5.60 -30.29 5.02
CA SER C 71 5.20 -28.93 5.36
C SER C 71 5.56 -28.66 6.81
N GLY C 72 5.91 -27.41 7.11
CA GLY C 72 6.22 -27.00 8.47
C GLY C 72 7.53 -27.59 8.94
N THR C 73 7.46 -28.56 9.85
CA THR C 73 8.66 -29.18 10.42
C THR C 73 8.93 -30.60 9.91
N ASP C 74 7.93 -31.24 9.30
CA ASP C 74 8.07 -32.65 8.90
C ASP C 74 8.08 -32.81 7.38
N PHE C 75 9.11 -33.47 6.87
CA PHE C 75 9.28 -33.68 5.42
C PHE C 75 9.72 -35.11 5.12
N THR C 76 9.43 -35.57 3.91
CA THR C 76 9.66 -36.96 3.51
C THR C 76 10.14 -37.08 2.08
N LEU C 77 11.26 -37.77 1.90
CA LEU C 77 11.75 -38.15 0.57
C LEU C 77 11.35 -39.59 0.28
N ASN C 78 10.80 -39.83 -0.91
CA ASN C 78 10.37 -41.16 -1.34
C ASN C 78 11.04 -41.56 -2.65
N ILE C 79 11.46 -42.82 -2.72
CA ILE C 79 12.04 -43.39 -3.94
C ILE C 79 11.33 -44.70 -4.24
N HIS C 80 10.71 -44.80 -5.40
CA HIS C 80 9.97 -46.00 -5.81
C HIS C 80 9.61 -45.91 -7.30
N PRO C 81 10.08 -46.89 -8.12
CA PRO C 81 10.88 -48.05 -7.78
C PRO C 81 12.35 -47.72 -7.46
N VAL C 82 12.87 -48.30 -6.38
CA VAL C 82 14.30 -48.14 -6.03
C VAL C 82 15.18 -48.93 -7.00
N GLU C 83 16.29 -48.33 -7.41
CA GLU C 83 17.18 -48.95 -8.38
C GLU C 83 18.64 -48.85 -7.93
N GLU C 84 19.43 -49.87 -8.29
CA GLU C 84 20.83 -50.04 -7.85
C GLU C 84 21.66 -48.77 -7.69
N GLU C 85 21.52 -47.80 -8.61
CA GLU C 85 22.34 -46.59 -8.57
C GLU C 85 21.78 -45.49 -7.66
N ASP C 86 20.63 -45.76 -7.03
CA ASP C 86 20.10 -44.87 -5.98
C ASP C 86 20.81 -45.07 -4.64
N ALA C 87 21.79 -45.97 -4.59
CA ALA C 87 22.60 -46.18 -3.40
C ALA C 87 23.46 -44.95 -3.10
N ALA C 88 23.15 -44.28 -1.99
CA ALA C 88 23.88 -43.08 -1.58
C ALA C 88 23.46 -42.68 -0.17
N THR C 89 24.08 -41.63 0.36
CA THR C 89 23.58 -40.99 1.57
C THR C 89 22.75 -39.78 1.14
N TYR C 90 21.61 -39.60 1.81
CA TYR C 90 20.67 -38.54 1.47
C TYR C 90 20.58 -37.53 2.60
N TYR C 91 20.84 -36.26 2.28
CA TYR C 91 20.79 -35.19 3.25
C TYR C 91 19.63 -34.27 2.95
N CYS C 92 18.86 -33.94 3.99
CA CYS C 92 17.91 -32.85 3.92
C CYS C 92 18.65 -31.60 4.36
N GLU C 93 18.26 -30.46 3.82
CA GLU C 93 18.89 -29.19 4.17
C GLU C 93 17.87 -28.07 4.02
N HIS C 94 17.87 -27.12 4.95
CA HIS C 94 16.96 -25.98 4.88
C HIS C 94 17.67 -24.71 4.44
N SER C 95 16.89 -23.80 3.88
CA SER C 95 17.37 -22.47 3.50
C SER C 95 16.35 -21.41 3.87
N ARG C 96 15.91 -21.45 5.12
CA ARG C 96 14.87 -20.57 5.63
C ARG C 96 15.50 -19.36 6.29
N GLU C 97 16.45 -19.62 7.19
CA GLU C 97 17.20 -18.58 7.87
C GLU C 97 18.67 -18.93 7.84
N PHE C 98 19.50 -17.99 8.29
CA PHE C 98 20.91 -18.25 8.53
C PHE C 98 21.04 -18.76 9.96
N PRO C 99 21.92 -19.75 10.20
CA PRO C 99 22.72 -20.48 9.22
C PRO C 99 21.92 -21.60 8.55
N PHE C 100 22.30 -21.95 7.33
CA PHE C 100 21.76 -23.16 6.70
C PHE C 100 22.32 -24.36 7.44
N THR C 101 21.51 -25.39 7.60
CA THR C 101 21.96 -26.61 8.27
C THR C 101 21.41 -27.83 7.56
N PHE C 102 22.22 -28.89 7.54
CA PHE C 102 21.87 -30.15 6.91
C PHE C 102 21.42 -31.15 7.95
N GLY C 103 20.68 -32.16 7.52
CA GLY C 103 20.33 -33.28 8.38
C GLY C 103 21.53 -34.18 8.62
N THR C 104 21.37 -35.13 9.54
CA THR C 104 22.47 -36.01 9.94
C THR C 104 22.84 -37.05 8.87
N GLY C 105 21.99 -37.21 7.85
CA GLY C 105 22.26 -38.11 6.74
C GLY C 105 21.60 -39.47 6.88
N THR C 106 21.21 -40.06 5.75
CA THR C 106 20.61 -41.40 5.73
C THR C 106 21.24 -42.20 4.59
N LYS C 107 21.95 -43.28 4.91
CA LYS C 107 22.57 -44.12 3.89
C LYS C 107 21.55 -45.16 3.37
N LEU C 108 21.51 -45.32 2.05
CA LEU C 108 20.61 -46.26 1.40
C LEU C 108 21.43 -47.39 0.77
N GLU C 109 21.37 -48.58 1.37
CA GLU C 109 21.87 -49.81 0.75
C GLU C 109 20.79 -50.36 -0.17
N ILE C 110 21.19 -51.18 -1.14
CA ILE C 110 20.23 -51.85 -2.02
C ILE C 110 20.48 -53.36 -2.07
N LYS C 111 19.49 -54.12 -1.59
CA LYS C 111 19.60 -55.57 -1.39
C LYS C 111 19.75 -56.32 -2.71
N GLN C 132 27.27 -26.62 -18.99
CA GLN C 132 28.68 -26.33 -19.14
C GLN C 132 29.30 -25.67 -17.89
N VAL C 133 28.55 -25.65 -16.78
CA VAL C 133 29.07 -25.13 -15.52
C VAL C 133 30.03 -26.13 -14.90
N GLN C 134 31.14 -25.64 -14.36
CA GLN C 134 32.05 -26.48 -13.59
C GLN C 134 32.92 -25.66 -12.64
N LEU C 135 33.11 -26.21 -11.45
CA LEU C 135 33.86 -25.55 -10.38
C LEU C 135 35.10 -26.38 -10.09
N GLN C 136 36.27 -25.82 -10.37
CA GLN C 136 37.54 -26.55 -10.21
C GLN C 136 38.27 -26.09 -8.96
N GLN C 137 38.31 -26.96 -7.94
CA GLN C 137 38.96 -26.64 -6.69
C GLN C 137 40.41 -27.05 -6.70
N SER C 138 41.17 -26.55 -5.73
CA SER C 138 42.57 -26.91 -5.57
C SER C 138 42.71 -28.34 -5.02
N GLY C 139 43.91 -28.88 -5.13
CA GLY C 139 44.18 -30.26 -4.77
C GLY C 139 44.29 -30.47 -3.27
N PRO C 140 44.66 -31.70 -2.86
CA PRO C 140 44.83 -32.00 -1.44
C PRO C 140 45.87 -31.09 -0.77
N GLU C 141 45.84 -31.02 0.55
CA GLU C 141 46.72 -30.17 1.30
C GLU C 141 47.00 -30.79 2.66
N LEU C 142 48.29 -30.95 3.00
CA LEU C 142 48.72 -31.45 4.30
C LEU C 142 49.47 -30.33 5.02
N VAL C 143 49.05 -30.00 6.24
CA VAL C 143 49.65 -28.88 6.98
C VAL C 143 49.76 -29.15 8.48
N LYS C 144 50.72 -28.50 9.13
CA LYS C 144 50.90 -28.60 10.58
C LYS C 144 49.76 -27.90 11.31
N PRO C 145 49.43 -28.35 12.52
CA PRO C 145 48.54 -27.56 13.36
C PRO C 145 49.08 -26.15 13.59
N GLY C 146 48.18 -25.17 13.69
CA GLY C 146 48.57 -23.79 13.88
C GLY C 146 48.73 -22.99 12.59
N ALA C 147 48.90 -23.70 11.48
CA ALA C 147 49.12 -23.08 10.17
C ALA C 147 47.81 -22.57 9.58
N SER C 148 47.89 -22.07 8.34
CA SER C 148 46.71 -21.63 7.60
C SER C 148 46.74 -22.18 6.19
N VAL C 149 45.56 -22.51 5.66
CA VAL C 149 45.41 -22.94 4.29
C VAL C 149 44.54 -21.92 3.58
N LYS C 150 44.73 -21.81 2.26
CA LYS C 150 43.77 -21.10 1.42
C LYS C 150 43.33 -22.02 0.30
N ILE C 151 42.07 -22.43 0.34
CA ILE C 151 41.47 -23.27 -0.69
C ILE C 151 40.91 -22.36 -1.79
N SER C 152 41.10 -22.76 -3.04
CA SER C 152 40.60 -22.02 -4.20
C SER C 152 39.50 -22.79 -4.90
N CYS C 153 38.56 -22.05 -5.49
CA CYS C 153 37.49 -22.64 -6.30
C CYS C 153 37.31 -21.78 -7.56
N LYS C 154 37.87 -22.25 -8.67
CA LYS C 154 37.78 -21.56 -9.95
C LYS C 154 36.50 -21.91 -10.68
N ALA C 155 35.71 -20.89 -11.04
CA ALA C 155 34.41 -21.10 -11.67
C ALA C 155 34.47 -20.87 -13.18
N SER C 156 33.59 -21.55 -13.91
CA SER C 156 33.43 -21.34 -15.35
C SER C 156 32.10 -21.90 -15.81
N GLY C 157 31.50 -21.27 -16.83
CA GLY C 157 30.21 -21.69 -17.39
C GLY C 157 29.00 -20.89 -16.90
N TYR C 158 29.27 -19.77 -16.26
CA TYR C 158 28.23 -18.84 -15.81
C TYR C 158 28.88 -17.49 -15.45
N THR C 159 28.07 -16.51 -15.08
CA THR C 159 28.60 -15.19 -14.74
C THR C 159 29.00 -15.14 -13.26
N PHE C 160 30.27 -15.46 -13.00
CA PHE C 160 30.82 -15.53 -11.64
C PHE C 160 30.59 -14.27 -10.82
N SER C 161 30.81 -13.11 -11.45
CA SER C 161 30.75 -11.82 -10.76
C SER C 161 29.36 -11.40 -10.27
N SER C 162 28.32 -12.13 -10.70
CA SER C 162 26.95 -11.87 -10.27
C SER C 162 26.39 -12.99 -9.40
N SER C 163 27.27 -13.84 -8.87
CA SER C 163 26.86 -15.07 -8.19
C SER C 163 27.27 -15.15 -6.73
N TRP C 164 26.56 -16.00 -5.99
CA TRP C 164 26.89 -16.33 -4.62
C TRP C 164 27.65 -17.66 -4.59
N MET C 165 28.73 -17.70 -3.82
CA MET C 165 29.50 -18.91 -3.64
C MET C 165 29.37 -19.37 -2.20
N ASN C 166 29.00 -20.63 -2.01
CA ASN C 166 28.88 -21.26 -0.70
C ASN C 166 30.02 -22.23 -0.46
N TRP C 167 30.38 -22.42 0.81
CA TRP C 167 31.39 -23.39 1.19
C TRP C 167 30.80 -24.37 2.21
N VAL C 168 31.04 -25.66 1.99
CA VAL C 168 30.54 -26.71 2.89
C VAL C 168 31.70 -27.59 3.39
N LYS C 169 31.65 -27.95 4.67
CA LYS C 169 32.68 -28.78 5.30
C LYS C 169 32.11 -30.17 5.58
N GLN C 170 32.89 -31.20 5.26
CA GLN C 170 32.51 -32.58 5.55
C GLN C 170 33.68 -33.38 6.09
N ARG C 171 33.65 -33.66 7.39
CA ARG C 171 34.66 -34.50 8.02
C ARG C 171 34.46 -35.97 7.66
N PRO C 172 35.56 -36.75 7.60
CA PRO C 172 35.52 -38.18 7.32
C PRO C 172 34.38 -38.87 8.05
N GLY C 173 33.52 -39.56 7.31
CA GLY C 173 32.39 -40.27 7.92
C GLY C 173 31.21 -39.40 8.32
N LYS C 174 31.48 -38.16 8.71
CA LYS C 174 30.44 -37.26 9.23
C LYS C 174 29.64 -36.61 8.09
N GLY C 175 28.68 -35.76 8.46
CA GLY C 175 27.78 -35.13 7.50
C GLY C 175 28.27 -33.78 7.00
N LEU C 176 27.34 -32.96 6.53
CA LEU C 176 27.65 -31.71 5.85
C LEU C 176 27.42 -30.51 6.77
N GLU C 177 28.28 -29.52 6.66
CA GLU C 177 28.29 -28.38 7.58
C GLU C 177 28.54 -27.07 6.82
N TRP C 178 27.56 -26.17 6.85
CA TRP C 178 27.60 -24.94 6.07
C TRP C 178 28.48 -23.88 6.73
N ILE C 179 29.48 -23.41 5.99
CA ILE C 179 30.46 -22.45 6.51
C ILE C 179 29.97 -21.02 6.30
N GLY C 180 29.53 -20.72 5.08
CA GLY C 180 29.03 -19.39 4.76
C GLY C 180 28.86 -19.22 3.26
N ARG C 181 28.50 -17.99 2.84
CA ARG C 181 28.42 -17.67 1.43
C ARG C 181 28.77 -16.22 1.11
N ILE C 182 29.34 -16.00 -0.07
CA ILE C 182 29.92 -14.71 -0.43
C ILE C 182 29.41 -14.28 -1.80
N TYR C 183 29.04 -13.01 -1.93
CA TYR C 183 28.66 -12.47 -3.23
C TYR C 183 29.89 -11.93 -3.95
N SER C 184 30.22 -12.53 -5.10
CA SER C 184 31.45 -12.24 -5.83
C SER C 184 31.53 -10.81 -6.37
N GLY C 185 30.38 -10.18 -6.60
CA GLY C 185 30.32 -8.80 -7.09
C GLY C 185 31.10 -7.84 -6.23
N ASP C 186 30.85 -7.91 -4.91
CA ASP C 186 31.54 -7.05 -3.95
C ASP C 186 32.19 -7.81 -2.79
N GLY C 187 32.16 -9.14 -2.83
CA GLY C 187 32.76 -9.94 -1.76
C GLY C 187 32.18 -9.72 -0.38
N ASP C 188 30.90 -9.35 -0.32
CA ASP C 188 30.19 -9.21 0.94
C ASP C 188 29.69 -10.61 1.31
N ALA C 189 29.99 -11.05 2.53
CA ALA C 189 29.73 -12.45 2.93
C ALA C 189 28.78 -12.56 4.12
N ILE C 190 28.20 -13.76 4.25
CA ILE C 190 27.39 -14.14 5.41
C ILE C 190 27.93 -15.46 5.94
N TYR C 191 28.51 -15.42 7.15
CA TYR C 191 29.16 -16.60 7.73
C TYR C 191 28.25 -17.35 8.68
N ASN C 192 28.54 -18.64 8.86
CA ASN C 192 28.04 -19.39 9.99
C ASN C 192 28.78 -18.90 11.23
N GLY C 193 28.06 -18.63 12.30
CA GLY C 193 28.65 -18.13 13.54
C GLY C 193 29.78 -19.02 14.06
N LYS C 194 29.67 -20.32 13.78
CA LYS C 194 30.67 -21.29 14.20
C LYS C 194 31.99 -21.12 13.43
N PHE C 195 31.90 -20.68 12.18
CA PHE C 195 33.08 -20.48 11.34
C PHE C 195 33.50 -19.02 11.19
N LYS C 196 32.69 -18.10 11.72
CA LYS C 196 33.00 -16.67 11.64
C LYS C 196 34.21 -16.38 12.53
N GLY C 197 35.29 -15.92 11.89
CA GLY C 197 36.55 -15.65 12.60
C GLY C 197 37.64 -16.64 12.23
N LYS C 198 37.25 -17.87 11.92
CA LYS C 198 38.21 -18.92 11.53
C LYS C 198 38.36 -18.99 10.01
N ALA C 199 37.23 -18.99 9.31
CA ALA C 199 37.21 -19.04 7.84
C ALA C 199 37.01 -17.65 7.27
N THR C 200 37.82 -17.27 6.28
CA THR C 200 37.65 -16.01 5.58
C THR C 200 37.34 -16.26 4.12
N LEU C 201 36.24 -15.70 3.64
CA LEU C 201 35.81 -15.86 2.26
C LEU C 201 36.15 -14.60 1.46
N THR C 202 36.77 -14.79 0.31
CA THR C 202 37.11 -13.69 -0.60
C THR C 202 36.86 -14.14 -2.05
N ALA C 203 36.78 -13.17 -2.96
CA ALA C 203 36.52 -13.47 -4.37
C ALA C 203 37.41 -12.62 -5.27
N ASP C 204 37.93 -13.24 -6.33
CA ASP C 204 38.67 -12.54 -7.36
C ASP C 204 37.88 -12.58 -8.67
N LYS C 205 37.22 -11.47 -8.99
CA LYS C 205 36.36 -11.39 -10.16
C LYS C 205 37.12 -11.59 -11.47
N SER C 206 38.34 -11.06 -11.55
CA SER C 206 39.16 -11.22 -12.75
C SER C 206 39.51 -12.69 -12.99
N SER C 207 39.88 -13.39 -11.93
CA SER C 207 40.19 -14.83 -12.01
C SER C 207 38.95 -15.70 -12.19
N SER C 208 37.76 -15.16 -11.90
CA SER C 208 36.56 -15.96 -11.67
C SER C 208 36.90 -17.08 -10.69
N THR C 209 37.45 -16.69 -9.53
CA THR C 209 37.92 -17.64 -8.53
C THR C 209 37.49 -17.24 -7.13
N ALA C 210 36.77 -18.15 -6.46
CA ALA C 210 36.40 -17.97 -5.06
C ALA C 210 37.49 -18.56 -4.17
N TYR C 211 37.69 -17.94 -3.01
CA TYR C 211 38.71 -18.40 -2.07
C TYR C 211 38.15 -18.55 -0.65
N MET C 212 38.66 -19.56 0.05
CA MET C 212 38.41 -19.72 1.48
C MET C 212 39.73 -19.96 2.19
N GLN C 213 39.99 -19.18 3.23
CA GLN C 213 41.19 -19.34 4.05
C GLN C 213 40.80 -19.77 5.45
N LEU C 214 41.49 -20.78 5.98
CA LEU C 214 41.26 -21.29 7.34
C LEU C 214 42.49 -21.05 8.20
N SER C 215 42.29 -20.53 9.41
CA SER C 215 43.37 -20.11 10.29
C SER C 215 43.45 -20.97 11.54
N SER C 216 44.61 -20.96 12.21
CA SER C 216 44.79 -21.67 13.48
C SER C 216 44.37 -23.13 13.40
N LEU C 217 44.81 -23.81 12.33
CA LEU C 217 44.31 -25.14 12.01
C LEU C 217 44.53 -26.19 13.10
N THR C 218 43.62 -27.16 13.14
CA THR C 218 43.57 -28.18 14.18
C THR C 218 43.19 -29.50 13.53
N SER C 219 43.49 -30.63 14.18
CA SER C 219 43.00 -31.92 13.73
C SER C 219 41.48 -31.88 13.50
N GLU C 220 40.79 -31.06 14.29
CA GLU C 220 39.35 -30.83 14.16
C GLU C 220 38.95 -30.27 12.77
N ASP C 221 39.83 -29.50 12.15
CA ASP C 221 39.59 -28.93 10.81
C ASP C 221 39.90 -29.88 9.66
N SER C 222 40.43 -31.07 9.96
CA SER C 222 40.72 -32.07 8.94
C SER C 222 39.40 -32.53 8.33
N ALA C 223 39.15 -32.12 7.09
CA ALA C 223 37.90 -32.42 6.41
C ALA C 223 38.03 -32.19 4.93
N VAL C 224 37.01 -32.61 4.18
CA VAL C 224 36.92 -32.31 2.75
C VAL C 224 36.00 -31.09 2.60
N TYR C 225 36.55 -30.02 2.01
CA TYR C 225 35.83 -28.75 1.86
C TYR C 225 35.31 -28.59 0.45
N PHE C 226 34.00 -28.38 0.32
CA PHE C 226 33.36 -28.19 -0.98
C PHE C 226 33.05 -26.72 -1.22
N CYS C 227 32.91 -26.39 -2.50
N CYS C 227 32.97 -26.35 -2.49
CA CYS C 227 32.55 -25.06 -2.95
CA CYS C 227 32.52 -25.03 -2.91
C CYS C 227 31.30 -25.22 -3.83
C CYS C 227 31.28 -25.22 -3.79
N ALA C 228 30.25 -24.43 -3.56
CA ALA C 228 28.97 -24.59 -4.28
C ALA C 228 28.33 -23.26 -4.68
N ARG C 229 27.81 -23.21 -5.91
CA ARG C 229 27.20 -22.01 -6.47
C ARG C 229 25.67 -22.01 -6.35
N GLU C 230 25.08 -20.84 -6.55
CA GLU C 230 23.62 -20.67 -6.57
C GLU C 230 23.14 -20.15 -7.93
N GLY C 231 21.84 -20.19 -8.15
CA GLY C 231 21.25 -19.73 -9.40
C GLY C 231 21.35 -18.23 -9.59
N LYS C 232 21.07 -17.78 -10.82
CA LYS C 232 21.20 -16.36 -11.20
C LYS C 232 20.63 -15.39 -10.16
N THR C 233 19.44 -15.71 -9.66
CA THR C 233 18.74 -14.83 -8.73
C THR C 233 19.30 -14.87 -7.32
N GLY C 234 20.15 -15.86 -7.05
CA GLY C 234 20.67 -16.09 -5.71
C GLY C 234 19.67 -16.86 -4.87
N ASP C 235 18.89 -17.72 -5.52
CA ASP C 235 18.01 -18.64 -4.79
C ASP C 235 18.91 -19.54 -3.97
N LEU C 236 18.50 -19.85 -2.75
CA LEU C 236 19.42 -20.39 -1.76
C LEU C 236 19.70 -21.89 -1.95
N LEU C 237 19.85 -22.30 -3.21
CA LEU C 237 20.02 -23.71 -3.57
C LEU C 237 21.44 -23.93 -4.09
N LEU C 238 22.05 -25.03 -3.68
CA LEU C 238 23.41 -25.36 -4.06
C LEU C 238 23.41 -26.16 -5.37
N ARG C 239 23.44 -25.44 -6.49
CA ARG C 239 23.28 -26.04 -7.83
C ARG C 239 24.48 -26.89 -8.24
N SER C 240 25.63 -26.25 -8.40
CA SER C 240 26.84 -26.92 -8.85
C SER C 240 27.90 -26.92 -7.76
N TRP C 241 28.52 -28.07 -7.55
CA TRP C 241 29.54 -28.24 -6.52
C TRP C 241 30.90 -28.43 -7.19
N GLY C 242 31.97 -28.34 -6.39
CA GLY C 242 33.29 -28.72 -6.84
C GLY C 242 33.58 -30.14 -6.37
N GLN C 243 34.68 -30.71 -6.84
CA GLN C 243 35.06 -32.08 -6.44
C GLN C 243 35.47 -32.18 -4.97
N GLY C 244 35.95 -31.07 -4.41
CA GLY C 244 36.29 -30.98 -2.99
C GLY C 244 37.79 -30.86 -2.82
N SER C 245 38.20 -30.30 -1.68
CA SER C 245 39.62 -30.19 -1.32
C SER C 245 39.85 -30.87 0.01
N ALA C 246 40.52 -32.02 0.00
CA ALA C 246 40.84 -32.75 1.22
C ALA C 246 41.96 -32.05 1.99
N LEU C 247 41.60 -31.41 3.10
CA LEU C 247 42.57 -30.78 3.99
C LEU C 247 42.77 -31.68 5.19
N THR C 248 44.04 -31.94 5.51
CA THR C 248 44.38 -32.84 6.61
C THR C 248 45.47 -32.22 7.48
N VAL C 249 45.15 -32.00 8.75
CA VAL C 249 46.06 -31.35 9.70
C VAL C 249 46.72 -32.39 10.61
N SER C 250 48.05 -32.39 10.67
CA SER C 250 48.78 -33.44 11.39
C SER C 250 50.23 -33.05 11.74
N SER C 251 50.84 -33.82 12.63
CA SER C 251 52.25 -33.63 13.04
C SER C 251 53.08 -34.90 12.87
N ASP D 1 -25.02 15.72 -14.12
CA ASP D 1 -25.33 16.31 -12.79
C ASP D 1 -26.31 15.43 -12.03
N ILE D 2 -26.24 15.51 -10.70
CA ILE D 2 -27.19 14.82 -9.83
C ILE D 2 -28.44 15.67 -9.66
N VAL D 3 -29.61 15.06 -9.86
CA VAL D 3 -30.89 15.75 -9.71
C VAL D 3 -31.54 15.29 -8.41
N LEU D 4 -31.92 16.25 -7.57
CA LEU D 4 -32.59 15.95 -6.30
C LEU D 4 -34.08 16.24 -6.43
N THR D 5 -34.91 15.21 -6.21
CA THR D 5 -36.36 15.33 -6.32
C THR D 5 -37.00 15.31 -4.95
N GLN D 6 -37.58 16.43 -4.52
CA GLN D 6 -38.28 16.50 -3.25
C GLN D 6 -39.78 16.24 -3.39
N SER D 7 -40.39 15.78 -2.31
CA SER D 7 -41.84 15.60 -2.24
C SER D 7 -42.31 15.52 -0.78
N PRO D 8 -43.46 16.15 -0.47
CA PRO D 8 -44.34 16.89 -1.37
C PRO D 8 -43.85 18.31 -1.65
N ALA D 9 -44.42 18.93 -2.69
CA ALA D 9 -44.08 20.31 -3.08
C ALA D 9 -44.50 21.31 -2.01
N SER D 10 -45.61 21.03 -1.34
CA SER D 10 -46.04 21.80 -0.18
C SER D 10 -46.81 20.92 0.80
N LEU D 11 -46.91 21.40 2.04
CA LEU D 11 -47.43 20.59 3.13
C LEU D 11 -48.07 21.49 4.17
N SER D 12 -49.31 21.18 4.56
CA SER D 12 -49.96 21.88 5.66
C SER D 12 -50.28 20.88 6.78
N VAL D 13 -49.49 20.94 7.84
CA VAL D 13 -49.78 20.20 9.07
C VAL D 13 -50.21 21.20 10.12
N SER D 14 -50.93 20.73 11.12
CA SER D 14 -51.35 21.56 12.24
C SER D 14 -50.33 21.41 13.35
N LEU D 15 -50.38 22.31 14.32
CA LEU D 15 -49.54 22.19 15.51
C LEU D 15 -49.92 20.87 16.17
N GLY D 16 -49.15 19.84 15.92
CA GLY D 16 -49.38 18.52 16.50
C GLY D 16 -48.02 17.95 16.75
N GLN D 17 -47.39 17.23 15.80
CA GLN D 17 -47.96 16.58 14.60
C GLN D 17 -46.76 16.26 13.70
N ARG D 18 -46.86 15.17 12.96
CA ARG D 18 -45.78 14.72 12.09
C ARG D 18 -45.72 15.55 10.81
N ALA D 19 -44.51 15.88 10.40
CA ALA D 19 -44.24 16.38 9.05
C ALA D 19 -43.11 15.53 8.50
N THR D 20 -43.32 14.96 7.31
CA THR D 20 -42.32 14.09 6.70
C THR D 20 -42.03 14.55 5.26
N ILE D 21 -40.82 15.03 5.04
CA ILE D 21 -40.38 15.50 3.73
C ILE D 21 -39.43 14.48 3.13
N SER D 22 -39.61 14.16 1.85
CA SER D 22 -38.76 13.19 1.17
C SER D 22 -37.87 13.85 0.13
N CYS D 23 -36.75 13.21 -0.15
CA CYS D 23 -35.78 13.70 -1.13
C CYS D 23 -35.06 12.53 -1.81
N ARG D 24 -35.15 12.49 -3.13
CA ARG D 24 -34.62 11.39 -3.92
C ARG D 24 -33.54 11.88 -4.88
N ALA D 25 -32.34 11.29 -4.77
CA ALA D 25 -31.20 11.65 -5.62
C ALA D 25 -31.16 10.79 -6.88
N SER D 26 -30.57 11.32 -7.96
CA SER D 26 -30.46 10.61 -9.23
C SER D 26 -29.59 9.37 -9.12
N LYS D 27 -28.45 9.51 -8.44
CA LYS D 27 -27.61 8.37 -8.11
C LYS D 27 -27.20 8.47 -6.65
N SER D 28 -26.47 7.46 -6.17
CA SER D 28 -26.06 7.43 -4.77
C SER D 28 -25.27 8.66 -4.41
N VAL D 29 -25.53 9.18 -3.22
CA VAL D 29 -24.83 10.34 -2.71
C VAL D 29 -24.12 9.91 -1.42
N SER D 30 -23.80 8.61 -1.35
CA SER D 30 -23.36 7.95 -0.13
C SER D 30 -22.08 7.17 -0.37
N THR D 31 -21.06 7.41 0.45
CA THR D 31 -19.84 6.59 0.45
C THR D 31 -20.04 5.47 1.49
N SER D 32 -18.96 4.77 1.84
CA SER D 32 -19.02 3.72 2.85
C SER D 32 -19.20 4.26 4.27
N ILE D 33 -18.87 5.53 4.50
CA ILE D 33 -18.96 6.10 5.85
C ILE D 33 -19.72 7.44 5.96
N TYR D 34 -20.19 7.99 4.84
CA TYR D 34 -20.93 9.25 4.85
C TYR D 34 -21.88 9.41 3.66
N SER D 35 -22.93 10.19 3.88
CA SER D 35 -23.63 10.97 2.85
C SER D 35 -23.81 12.29 3.58
N TYR D 36 -23.51 13.48 3.04
CA TYR D 36 -23.46 13.93 1.64
C TYR D 36 -24.85 14.24 1.09
N MET D 37 -25.86 14.11 1.95
CA MET D 37 -27.15 14.74 1.74
C MET D 37 -27.47 15.55 3.01
N HIS D 38 -27.87 16.80 2.82
CA HIS D 38 -28.07 17.74 3.92
C HIS D 38 -29.44 18.40 3.78
N TRP D 39 -29.89 19.06 4.84
CA TRP D 39 -31.19 19.73 4.85
C TRP D 39 -31.05 21.17 5.31
N TYR D 40 -31.53 22.11 4.48
CA TYR D 40 -31.56 23.53 4.81
C TYR D 40 -32.99 24.04 4.96
N GLN D 41 -33.20 24.98 5.89
CA GLN D 41 -34.50 25.58 6.15
C GLN D 41 -34.47 27.06 5.78
N GLN D 42 -35.37 27.50 4.92
CA GLN D 42 -35.42 28.91 4.51
C GLN D 42 -36.77 29.55 4.76
N LYS D 43 -36.78 30.63 5.53
CA LYS D 43 -37.96 31.45 5.74
C LYS D 43 -37.88 32.68 4.82
N PRO D 44 -39.03 33.22 4.40
CA PRO D 44 -39.08 34.39 3.51
C PRO D 44 -38.13 35.53 3.90
N GLY D 45 -37.41 36.06 2.92
CA GLY D 45 -36.54 37.23 3.13
C GLY D 45 -35.19 36.94 3.77
N GLN D 46 -34.95 35.69 4.15
CA GLN D 46 -33.73 35.30 4.85
C GLN D 46 -32.91 34.30 4.04
N PRO D 47 -31.60 34.23 4.32
CA PRO D 47 -30.79 33.15 3.75
C PRO D 47 -31.15 31.79 4.35
N PRO D 48 -30.95 30.70 3.59
CA PRO D 48 -31.15 29.36 4.14
C PRO D 48 -30.29 29.07 5.37
N LYS D 49 -30.73 28.11 6.18
CA LYS D 49 -30.04 27.72 7.40
C LYS D 49 -29.87 26.22 7.45
N LEU D 50 -28.65 25.77 7.72
CA LEU D 50 -28.33 24.35 7.83
C LEU D 50 -28.96 23.74 9.09
N LEU D 51 -29.85 22.76 8.89
CA LEU D 51 -30.51 22.06 10.00
C LEU D 51 -29.87 20.70 10.28
N ILE D 52 -29.88 19.83 9.27
CA ILE D 52 -29.28 18.51 9.38
C ILE D 52 -28.13 18.42 8.39
N LYS D 53 -26.99 17.95 8.88
CA LYS D 53 -25.84 17.67 8.02
C LYS D 53 -25.54 16.18 8.00
N TYR D 54 -25.07 15.71 6.85
CA TYR D 54 -24.73 14.32 6.63
C TYR D 54 -25.85 13.38 7.06
N ALA D 55 -27.02 13.58 6.46
CA ALA D 55 -28.19 12.72 6.64
C ALA D 55 -28.89 12.88 8.00
N SER D 56 -28.16 12.71 9.10
CA SER D 56 -28.78 12.54 10.41
C SER D 56 -28.29 13.46 11.53
N TYR D 57 -27.16 14.13 11.34
CA TYR D 57 -26.55 14.94 12.42
C TYR D 57 -27.12 16.35 12.48
N LEU D 58 -27.80 16.67 13.58
CA LEU D 58 -28.36 18.01 13.79
C LEU D 58 -27.27 19.05 14.01
N GLU D 59 -27.37 20.19 13.33
CA GLU D 59 -26.47 21.32 13.60
C GLU D 59 -26.73 21.89 14.99
N SER D 60 -25.70 22.50 15.58
CA SER D 60 -25.79 22.94 16.98
C SER D 60 -26.93 23.92 17.14
N GLY D 61 -27.78 23.67 18.13
CA GLY D 61 -28.96 24.50 18.38
C GLY D 61 -30.25 23.90 17.85
N VAL D 62 -30.16 23.12 16.78
CA VAL D 62 -31.36 22.55 16.16
C VAL D 62 -32.03 21.57 17.13
N PRO D 63 -33.34 21.79 17.43
CA PRO D 63 -34.14 20.93 18.30
C PRO D 63 -34.11 19.46 17.93
N ALA D 64 -34.16 18.60 18.94
CA ALA D 64 -34.16 17.15 18.74
C ALA D 64 -35.42 16.64 18.07
N ARG D 65 -36.45 17.48 17.99
CA ARG D 65 -37.68 17.13 17.27
C ARG D 65 -37.48 17.12 15.75
N PHE D 66 -36.37 17.67 15.29
CA PHE D 66 -35.90 17.45 13.92
C PHE D 66 -35.09 16.17 13.88
N SER D 67 -35.34 15.35 12.86
CA SER D 67 -34.54 14.16 12.62
C SER D 67 -34.39 13.89 11.13
N GLY D 68 -33.22 13.38 10.75
CA GLY D 68 -32.92 13.06 9.37
C GLY D 68 -32.53 11.61 9.23
N SER D 69 -33.00 10.97 8.17
CA SER D 69 -32.75 9.56 7.94
C SER D 69 -32.54 9.31 6.46
N GLY D 70 -31.86 8.21 6.14
CA GLY D 70 -31.69 7.78 4.75
C GLY D 70 -30.27 7.41 4.38
N SER D 71 -30.15 6.81 3.20
CA SER D 71 -28.87 6.37 2.66
C SER D 71 -29.01 6.18 1.16
N GLY D 72 -27.88 6.10 0.46
CA GLY D 72 -27.90 5.91 -0.99
C GLY D 72 -28.56 7.07 -1.70
N THR D 73 -29.79 6.84 -2.17
CA THR D 73 -30.53 7.87 -2.95
C THR D 73 -31.71 8.47 -2.20
N ASP D 74 -32.33 7.72 -1.29
CA ASP D 74 -33.54 8.18 -0.61
C ASP D 74 -33.24 8.70 0.81
N PHE D 75 -33.70 9.92 1.09
CA PHE D 75 -33.50 10.56 2.38
C PHE D 75 -34.80 11.20 2.86
N THR D 76 -34.95 11.31 4.17
CA THR D 76 -36.19 11.78 4.75
C THR D 76 -35.93 12.72 5.93
N LEU D 77 -36.62 13.85 5.93
CA LEU D 77 -36.61 14.76 7.06
C LEU D 77 -37.91 14.60 7.82
N ASN D 78 -37.82 14.50 9.15
CA ASN D 78 -38.98 14.37 10.02
C ASN D 78 -39.00 15.44 11.09
N ILE D 79 -40.14 16.11 11.23
CA ILE D 79 -40.36 17.08 12.30
C ILE D 79 -41.51 16.59 13.15
N HIS D 80 -41.29 16.52 14.46
CA HIS D 80 -42.32 16.07 15.38
C HIS D 80 -41.92 16.37 16.83
N PRO D 81 -42.68 17.23 17.52
CA PRO D 81 -43.90 17.90 17.09
C PRO D 81 -43.62 19.13 16.23
N VAL D 82 -44.50 19.40 15.27
CA VAL D 82 -44.42 20.63 14.50
C VAL D 82 -44.78 21.81 15.39
N GLU D 83 -44.03 22.91 15.28
CA GLU D 83 -44.33 24.14 16.01
C GLU D 83 -44.37 25.31 15.02
N GLU D 84 -44.81 26.47 15.51
CA GLU D 84 -45.02 27.65 14.64
C GLU D 84 -43.78 28.04 13.83
N GLU D 85 -42.63 28.00 14.48
CA GLU D 85 -41.37 28.38 13.83
C GLU D 85 -40.92 27.48 12.67
N ASP D 86 -41.60 26.34 12.48
CA ASP D 86 -41.30 25.43 11.38
C ASP D 86 -41.92 25.86 10.04
N ALA D 87 -42.75 26.88 10.07
CA ALA D 87 -43.32 27.44 8.86
C ALA D 87 -42.19 28.00 8.01
N ALA D 88 -41.74 27.21 7.04
CA ALA D 88 -40.67 27.63 6.14
C ALA D 88 -40.66 26.76 4.89
N THR D 89 -39.67 26.97 4.02
CA THR D 89 -39.42 26.09 2.89
C THR D 89 -38.14 25.29 3.14
N TYR D 90 -38.24 23.98 2.96
CA TYR D 90 -37.14 23.06 3.24
C TYR D 90 -36.53 22.53 1.94
N TYR D 91 -35.21 22.72 1.83
CA TYR D 91 -34.45 22.26 0.69
C TYR D 91 -33.45 21.21 1.13
N CYS D 92 -33.38 20.12 0.38
CA CYS D 92 -32.30 19.16 0.53
C CYS D 92 -31.20 19.56 -0.44
N GLU D 93 -29.99 19.09 -0.18
CA GLU D 93 -28.83 19.43 -1.01
C GLU D 93 -27.73 18.40 -0.80
N HIS D 94 -27.00 18.11 -1.87
CA HIS D 94 -25.89 17.17 -1.79
C HIS D 94 -24.56 17.89 -1.94
N SER D 95 -23.51 17.26 -1.41
CA SER D 95 -22.15 17.74 -1.60
C SER D 95 -21.24 16.58 -2.01
N ARG D 96 -21.78 15.67 -2.81
CA ARG D 96 -21.06 14.47 -3.21
C ARG D 96 -20.08 14.78 -4.33
N GLU D 97 -20.49 15.63 -5.26
CA GLU D 97 -19.67 15.97 -6.42
C GLU D 97 -20.09 17.33 -6.97
N PHE D 98 -19.22 17.91 -7.80
CA PHE D 98 -19.59 19.14 -8.50
C PHE D 98 -20.44 18.78 -9.71
N PRO D 99 -21.51 19.56 -9.98
CA PRO D 99 -21.95 20.71 -9.20
C PRO D 99 -22.82 20.29 -8.03
N PHE D 100 -22.81 21.07 -6.96
CA PHE D 100 -23.77 20.87 -5.88
C PHE D 100 -25.14 21.26 -6.41
N THR D 101 -26.17 20.49 -6.05
CA THR D 101 -27.52 20.79 -6.48
C THR D 101 -28.50 20.71 -5.30
N PHE D 102 -29.59 21.45 -5.41
CA PHE D 102 -30.63 21.46 -4.38
C PHE D 102 -31.88 20.75 -4.87
N GLY D 103 -32.74 20.39 -3.92
CA GLY D 103 -34.05 19.84 -4.25
C GLY D 103 -34.99 20.94 -4.69
N THR D 104 -36.13 20.56 -5.25
CA THR D 104 -37.11 21.51 -5.76
C THR D 104 -37.80 22.31 -4.66
N GLY D 105 -37.76 21.79 -3.43
CA GLY D 105 -38.26 22.52 -2.25
C GLY D 105 -39.57 21.97 -1.71
N THR D 106 -39.79 22.17 -0.41
CA THR D 106 -41.03 21.77 0.23
C THR D 106 -41.48 22.84 1.21
N LYS D 107 -42.55 23.57 0.86
CA LYS D 107 -43.08 24.61 1.74
C LYS D 107 -43.96 23.98 2.81
N LEU D 108 -43.57 24.18 4.07
CA LEU D 108 -44.37 23.74 5.21
C LEU D 108 -45.25 24.90 5.66
N GLU D 109 -46.50 24.59 6.01
CA GLU D 109 -47.47 25.60 6.39
C GLU D 109 -48.25 25.13 7.61
N ILE D 110 -48.36 25.96 8.64
CA ILE D 110 -49.10 25.60 9.83
C ILE D 110 -50.60 25.83 9.60
N LYS D 111 -51.40 24.81 9.86
CA LYS D 111 -52.84 24.81 9.51
C LYS D 111 -53.57 26.08 9.96
N GLN D 132 -23.92 39.74 14.72
CA GLN D 132 -23.97 38.29 14.89
C GLN D 132 -23.56 37.54 13.61
N VAL D 133 -24.03 38.00 12.45
CA VAL D 133 -23.75 37.33 11.17
C VAL D 133 -22.50 37.88 10.46
N GLN D 134 -21.62 36.98 10.06
CA GLN D 134 -20.47 37.34 9.21
C GLN D 134 -20.97 37.49 7.77
N LEU D 135 -20.05 37.81 6.85
CA LEU D 135 -20.37 37.93 5.41
C LEU D 135 -21.39 39.04 5.11
N GLN D 136 -20.87 40.26 4.93
CA GLN D 136 -21.66 41.44 4.59
C GLN D 136 -21.68 41.59 3.07
N GLN D 137 -22.87 41.61 2.49
CA GLN D 137 -23.02 41.70 1.04
C GLN D 137 -23.37 43.10 0.58
N SER D 138 -23.15 43.36 -0.71
CA SER D 138 -23.48 44.65 -1.32
C SER D 138 -24.99 44.82 -1.41
N GLY D 139 -25.42 46.07 -1.58
CA GLY D 139 -26.85 46.40 -1.58
C GLY D 139 -27.56 45.98 -2.85
N PRO D 140 -28.88 46.24 -2.93
CA PRO D 140 -29.70 45.92 -4.09
C PRO D 140 -29.25 46.69 -5.33
N GLU D 141 -29.65 46.19 -6.51
CA GLU D 141 -29.12 46.71 -7.77
C GLU D 141 -30.16 46.61 -8.87
N LEU D 142 -30.38 47.71 -9.59
CA LEU D 142 -31.12 47.70 -10.85
C LEU D 142 -30.12 47.99 -11.96
N VAL D 143 -30.07 47.13 -12.97
CA VAL D 143 -29.07 47.29 -14.04
C VAL D 143 -29.66 46.94 -15.41
N LYS D 144 -29.19 47.64 -16.44
CA LYS D 144 -29.66 47.44 -17.82
C LYS D 144 -29.29 46.04 -18.35
N PRO D 145 -30.16 45.46 -19.21
CA PRO D 145 -29.76 44.28 -19.96
C PRO D 145 -28.52 44.54 -20.81
N GLY D 146 -27.66 43.54 -20.93
CA GLY D 146 -26.41 43.66 -21.68
C GLY D 146 -25.22 44.15 -20.85
N ALA D 147 -25.49 44.64 -19.65
CA ALA D 147 -24.46 45.21 -18.79
C ALA D 147 -23.78 44.14 -17.95
N SER D 148 -22.86 44.59 -17.09
CA SER D 148 -22.21 43.73 -16.10
C SER D 148 -22.51 44.22 -14.70
N VAL D 149 -22.46 43.29 -13.75
CA VAL D 149 -22.57 43.63 -12.33
C VAL D 149 -21.55 42.80 -11.58
N LYS D 150 -20.92 43.41 -10.58
CA LYS D 150 -20.03 42.68 -9.70
C LYS D 150 -20.52 42.83 -8.26
N ILE D 151 -21.16 41.76 -7.77
CA ILE D 151 -21.71 41.70 -6.41
C ILE D 151 -20.62 41.31 -5.41
N SER D 152 -20.61 41.98 -4.26
CA SER D 152 -19.55 41.78 -3.27
C SER D 152 -20.07 41.00 -2.07
N CYS D 153 -19.11 40.49 -1.29
CA CYS D 153 -19.38 39.74 -0.09
C CYS D 153 -18.15 39.89 0.79
N LYS D 154 -18.27 40.70 1.83
CA LYS D 154 -17.12 41.05 2.69
C LYS D 154 -17.11 40.23 3.96
N ALA D 155 -15.92 39.82 4.39
CA ALA D 155 -15.73 39.12 5.66
C ALA D 155 -14.65 39.83 6.48
N SER D 156 -14.41 39.33 7.68
CA SER D 156 -13.29 39.79 8.50
C SER D 156 -12.00 39.24 7.92
N GLY D 157 -10.99 40.10 7.76
CA GLY D 157 -9.63 39.64 7.49
C GLY D 157 -9.27 38.79 8.69
N TYR D 158 -8.45 37.76 8.50
CA TYR D 158 -8.13 36.74 9.53
C TYR D 158 -9.03 35.52 9.34
N THR D 159 -10.31 35.77 9.11
CA THR D 159 -11.24 34.71 8.75
C THR D 159 -11.26 34.50 7.24
N PHE D 160 -10.90 35.54 6.49
CA PHE D 160 -11.11 35.56 5.04
C PHE D 160 -10.19 34.64 4.23
N SER D 161 -8.89 34.75 4.44
CA SER D 161 -7.90 34.13 3.53
C SER D 161 -7.99 32.60 3.40
N SER D 162 -8.57 31.93 4.40
CA SER D 162 -8.74 30.47 4.35
C SER D 162 -10.17 30.05 4.00
N SER D 163 -11.00 31.01 3.62
CA SER D 163 -12.43 30.77 3.38
C SER D 163 -12.68 30.19 1.99
N TRP D 164 -13.50 29.17 1.94
CA TRP D 164 -14.07 28.69 0.69
C TRP D 164 -15.40 29.41 0.51
N MET D 165 -15.45 30.37 -0.41
CA MET D 165 -16.65 31.18 -0.60
C MET D 165 -17.53 30.56 -1.69
N ASN D 166 -18.74 30.19 -1.33
CA ASN D 166 -19.73 29.65 -2.27
C ASN D 166 -20.74 30.73 -2.65
N TRP D 167 -21.26 30.66 -3.87
CA TRP D 167 -22.31 31.58 -4.32
C TRP D 167 -23.55 30.81 -4.75
N VAL D 168 -24.73 31.30 -4.35
CA VAL D 168 -26.00 30.66 -4.66
C VAL D 168 -27.03 31.68 -5.18
N LYS D 169 -27.75 31.29 -6.24
CA LYS D 169 -28.74 32.12 -6.90
C LYS D 169 -30.15 31.65 -6.54
N GLN D 170 -31.09 32.60 -6.46
CA GLN D 170 -32.48 32.30 -6.14
C GLN D 170 -33.43 33.27 -6.84
N ARG D 171 -34.08 32.79 -7.89
CA ARG D 171 -35.03 33.61 -8.64
C ARG D 171 -36.32 33.70 -7.86
N PRO D 172 -36.99 34.88 -7.86
CA PRO D 172 -38.22 35.07 -7.10
C PRO D 172 -39.20 33.93 -7.30
N GLY D 173 -39.62 33.30 -6.20
CA GLY D 173 -40.52 32.15 -6.28
C GLY D 173 -39.85 30.81 -6.55
N LYS D 174 -38.77 30.82 -7.35
CA LYS D 174 -38.07 29.58 -7.69
C LYS D 174 -37.05 29.15 -6.62
N GLY D 175 -36.38 28.03 -6.87
CA GLY D 175 -35.52 27.39 -5.87
C GLY D 175 -34.11 27.96 -5.79
N LEU D 176 -33.17 27.12 -5.35
CA LEU D 176 -31.79 27.51 -5.13
C LEU D 176 -30.86 26.82 -6.13
N GLU D 177 -29.87 27.56 -6.62
CA GLU D 177 -28.98 27.06 -7.67
C GLU D 177 -27.54 27.42 -7.33
N TRP D 178 -26.67 26.41 -7.33
CA TRP D 178 -25.26 26.60 -6.97
C TRP D 178 -24.45 27.10 -8.16
N ILE D 179 -23.86 28.28 -8.01
CA ILE D 179 -23.10 28.93 -9.07
C ILE D 179 -21.66 28.41 -9.12
N GLY D 180 -20.96 28.47 -7.99
CA GLY D 180 -19.61 27.96 -7.90
C GLY D 180 -19.00 28.24 -6.54
N ARG D 181 -17.70 28.01 -6.40
CA ARG D 181 -17.00 28.40 -5.19
C ARG D 181 -15.52 28.70 -5.42
N ILE D 182 -15.01 29.62 -4.62
CA ILE D 182 -13.65 30.12 -4.77
C ILE D 182 -12.92 30.03 -3.43
N TYR D 183 -11.63 29.68 -3.48
CA TYR D 183 -10.79 29.70 -2.28
C TYR D 183 -10.08 31.06 -2.17
N SER D 184 -10.31 31.75 -1.07
CA SER D 184 -9.88 33.13 -0.92
C SER D 184 -8.36 33.30 -0.88
N GLY D 185 -7.65 32.27 -0.42
CA GLY D 185 -6.20 32.31 -0.31
C GLY D 185 -5.50 32.59 -1.63
N ASP D 186 -5.92 31.90 -2.69
CA ASP D 186 -5.30 32.04 -4.00
C ASP D 186 -6.28 32.39 -5.12
N GLY D 187 -7.57 32.52 -4.80
CA GLY D 187 -8.57 32.87 -5.81
C GLY D 187 -8.85 31.76 -6.82
N ASP D 188 -8.53 30.53 -6.44
CA ASP D 188 -8.74 29.36 -7.30
C ASP D 188 -10.22 28.99 -7.24
N ALA D 189 -10.86 28.88 -8.41
CA ALA D 189 -12.33 28.86 -8.48
C ALA D 189 -12.89 27.66 -9.25
N ILE D 190 -13.88 26.99 -8.64
CA ILE D 190 -14.62 25.92 -9.30
C ILE D 190 -16.01 26.44 -9.66
N TYR D 191 -16.43 26.22 -10.91
CA TYR D 191 -17.71 26.73 -11.41
C TYR D 191 -18.69 25.63 -11.77
N ASN D 192 -19.98 25.89 -11.58
CA ASN D 192 -21.05 25.09 -12.15
C ASN D 192 -21.06 25.35 -13.65
N GLY D 193 -20.94 24.29 -14.45
CA GLY D 193 -20.88 24.42 -15.91
C GLY D 193 -21.89 25.36 -16.53
N LYS D 194 -23.08 25.44 -15.93
CA LYS D 194 -24.15 26.33 -16.39
C LYS D 194 -23.79 27.81 -16.27
N PHE D 195 -22.89 28.14 -15.34
CA PHE D 195 -22.43 29.52 -15.15
C PHE D 195 -21.00 29.76 -15.61
N LYS D 196 -20.30 28.71 -16.02
CA LYS D 196 -18.93 28.86 -16.53
C LYS D 196 -19.01 29.56 -17.88
N GLY D 197 -18.49 30.79 -17.92
CA GLY D 197 -18.63 31.66 -19.08
C GLY D 197 -19.42 32.92 -18.75
N LYS D 198 -20.34 32.81 -17.79
CA LYS D 198 -21.18 33.94 -17.37
C LYS D 198 -20.78 34.52 -16.03
N ALA D 199 -20.40 33.66 -15.08
CA ALA D 199 -20.01 34.09 -13.73
C ALA D 199 -18.50 34.05 -13.56
N THR D 200 -17.93 35.08 -12.95
CA THR D 200 -16.52 35.06 -12.57
C THR D 200 -16.37 35.35 -11.08
N LEU D 201 -15.78 34.39 -10.36
CA LEU D 201 -15.49 34.53 -8.95
C LEU D 201 -14.06 35.04 -8.76
N THR D 202 -13.92 36.11 -7.99
CA THR D 202 -12.59 36.62 -7.61
C THR D 202 -12.54 36.92 -6.11
N ALA D 203 -11.36 36.82 -5.52
CA ALA D 203 -11.17 37.12 -4.10
C ALA D 203 -9.95 38.02 -3.89
N ASP D 204 -10.13 39.09 -3.12
CA ASP D 204 -9.06 39.99 -2.77
C ASP D 204 -8.81 39.92 -1.26
N LYS D 205 -7.67 39.34 -0.88
CA LYS D 205 -7.29 39.22 0.53
C LYS D 205 -7.18 40.58 1.23
N SER D 206 -6.62 41.57 0.53
CA SER D 206 -6.40 42.88 1.13
C SER D 206 -7.65 43.80 1.13
N SER D 207 -8.77 43.29 0.62
CA SER D 207 -10.09 43.90 0.88
C SER D 207 -10.91 43.03 1.83
N SER D 208 -10.50 41.78 2.01
CA SER D 208 -11.30 40.75 2.66
C SER D 208 -12.66 40.63 1.99
N THR D 209 -12.68 40.79 0.67
CA THR D 209 -13.92 40.81 -0.10
C THR D 209 -13.86 39.83 -1.27
N ALA D 210 -14.89 39.00 -1.36
CA ALA D 210 -15.07 38.10 -2.49
C ALA D 210 -16.10 38.72 -3.43
N TYR D 211 -15.88 38.55 -4.73
CA TYR D 211 -16.74 39.15 -5.75
C TYR D 211 -17.28 38.10 -6.71
N MET D 212 -18.49 38.36 -7.20
CA MET D 212 -19.07 37.58 -8.28
C MET D 212 -19.45 38.52 -9.40
N GLN D 213 -19.04 38.16 -10.61
CA GLN D 213 -19.21 38.97 -11.80
C GLN D 213 -20.25 38.31 -12.70
N LEU D 214 -21.27 39.07 -13.10
CA LEU D 214 -22.26 38.57 -14.06
C LEU D 214 -22.26 39.44 -15.32
N SER D 215 -22.13 38.79 -16.47
CA SER D 215 -22.02 39.46 -17.77
C SER D 215 -23.22 39.18 -18.66
N SER D 216 -23.42 40.03 -19.67
CA SER D 216 -24.52 39.90 -20.62
C SER D 216 -25.83 39.71 -19.87
N LEU D 217 -26.12 40.63 -18.96
CA LEU D 217 -27.25 40.47 -18.06
C LEU D 217 -28.59 40.40 -18.80
N THR D 218 -29.49 39.59 -18.26
CA THR D 218 -30.76 39.27 -18.87
C THR D 218 -31.84 39.32 -17.80
N SER D 219 -33.09 39.45 -18.21
CA SER D 219 -34.22 39.46 -17.27
C SER D 219 -34.17 38.29 -16.29
N GLU D 220 -33.72 37.13 -16.76
CA GLU D 220 -33.66 35.95 -15.90
C GLU D 220 -32.29 35.73 -15.22
N ASP D 221 -31.48 36.76 -15.17
CA ASP D 221 -30.43 36.87 -14.17
C ASP D 221 -30.98 37.61 -12.95
N SER D 222 -32.21 38.11 -13.04
CA SER D 222 -32.87 38.73 -11.90
C SER D 222 -33.13 37.69 -10.84
N ALA D 223 -32.46 37.85 -9.70
CA ALA D 223 -32.60 36.94 -8.57
C ALA D 223 -31.99 37.57 -7.33
N VAL D 224 -32.06 36.84 -6.21
CA VAL D 224 -31.28 37.17 -5.03
C VAL D 224 -30.06 36.26 -5.04
N TYR D 225 -28.87 36.87 -4.94
CA TYR D 225 -27.61 36.14 -4.98
C TYR D 225 -26.97 36.09 -3.59
N PHE D 226 -26.88 34.89 -3.02
CA PHE D 226 -26.30 34.70 -1.70
C PHE D 226 -24.83 34.34 -1.77
N CYS D 227 -24.14 34.62 -0.68
N CYS D 227 -24.10 34.68 -0.72
CA CYS D 227 -22.73 34.30 -0.50
CA CYS D 227 -22.71 34.25 -0.55
C CYS D 227 -22.64 33.45 0.76
C CYS D 227 -22.63 33.45 0.74
N ALA D 228 -22.12 32.23 0.64
CA ALA D 228 -22.05 31.30 1.77
C ALA D 228 -20.64 30.76 1.97
N ARG D 229 -20.35 30.39 3.21
CA ARG D 229 -19.03 30.00 3.66
C ARG D 229 -19.06 28.59 4.22
N GLU D 230 -17.90 27.94 4.23
CA GLU D 230 -17.75 26.60 4.79
C GLU D 230 -16.91 26.65 6.07
N GLY D 231 -16.84 25.52 6.77
CA GLY D 231 -16.01 25.40 7.95
C GLY D 231 -14.53 25.32 7.61
N LYS D 232 -13.68 25.49 8.62
CA LYS D 232 -12.22 25.64 8.47
C LYS D 232 -11.59 24.73 7.41
N THR D 233 -11.94 23.45 7.45
CA THR D 233 -11.34 22.47 6.55
C THR D 233 -11.96 22.47 5.15
N GLY D 234 -13.00 23.27 4.95
CA GLY D 234 -13.75 23.27 3.71
C GLY D 234 -14.68 22.07 3.63
N ASP D 235 -15.26 21.69 4.77
CA ASP D 235 -16.33 20.69 4.78
C ASP D 235 -17.46 21.30 3.97
N LEU D 236 -17.90 20.59 2.94
CA LEU D 236 -18.66 21.21 1.85
C LEU D 236 -20.07 21.65 2.27
N LEU D 237 -20.17 22.24 3.48
CA LEU D 237 -21.42 22.63 4.11
C LEU D 237 -21.50 24.15 4.17
N LEU D 238 -22.65 24.69 3.78
CA LEU D 238 -22.86 26.13 3.74
C LEU D 238 -23.22 26.62 5.15
N ARG D 239 -22.20 26.85 5.96
CA ARG D 239 -22.37 27.28 7.36
C ARG D 239 -22.91 28.71 7.48
N SER D 240 -22.09 29.69 7.08
CA SER D 240 -22.43 31.10 7.22
C SER D 240 -22.89 31.67 5.90
N TRP D 241 -24.04 32.34 5.90
CA TRP D 241 -24.55 33.02 4.70
C TRP D 241 -24.47 34.54 4.88
N GLY D 242 -24.85 35.27 3.83
CA GLY D 242 -25.04 36.72 3.90
C GLY D 242 -26.52 37.03 3.72
N GLN D 243 -26.86 38.30 3.64
CA GLN D 243 -28.27 38.72 3.54
C GLN D 243 -28.84 38.44 2.15
N GLY D 244 -27.96 38.33 1.16
CA GLY D 244 -28.34 38.23 -0.24
C GLY D 244 -28.23 39.60 -0.88
N SER D 245 -28.06 39.63 -2.20
CA SER D 245 -28.09 40.88 -2.95
C SER D 245 -29.17 40.76 -4.03
N ALA D 246 -30.10 41.72 -4.05
CA ALA D 246 -31.24 41.67 -4.96
C ALA D 246 -30.91 42.32 -6.29
N LEU D 247 -30.39 41.52 -7.22
CA LEU D 247 -30.05 42.00 -8.56
C LEU D 247 -31.28 41.89 -9.43
N THR D 248 -31.72 43.01 -9.97
CA THR D 248 -32.88 43.04 -10.88
C THR D 248 -32.44 43.69 -12.19
N VAL D 249 -32.66 42.98 -13.29
CA VAL D 249 -32.19 43.41 -14.60
C VAL D 249 -33.37 43.93 -15.42
N SER D 250 -33.34 45.21 -15.77
CA SER D 250 -34.47 45.84 -16.45
C SER D 250 -34.08 47.12 -17.18
N SER D 251 -34.89 47.47 -18.20
CA SER D 251 -34.72 48.70 -18.98
C SER D 251 -35.58 49.82 -18.42
#